data_358D
# 
_entry.id   358D 
# 
_audit_conform.dict_name       mmcif_pdbx.dic 
_audit_conform.dict_version    5.389 
_audit_conform.dict_location   http://mmcif.pdb.org/dictionaries/ascii/mmcif_pdbx.dic 
# 
loop_
_database_2.database_id 
_database_2.database_code 
_database_2.pdbx_database_accession 
_database_2.pdbx_DOI 
PDB   358D         pdb_0000358d 10.2210/pdb358d/pdb 
RCSB  GDJB55       ?            ?                   
WWPDB D_1000178827 ?            ?                   
# 
loop_
_pdbx_audit_revision_history.ordinal 
_pdbx_audit_revision_history.data_content_type 
_pdbx_audit_revision_history.major_revision 
_pdbx_audit_revision_history.minor_revision 
_pdbx_audit_revision_history.revision_date 
1 'Structure model' 1 0 2000-05-07 
2 'Structure model' 1 1 2008-05-22 
3 'Structure model' 1 2 2011-07-13 
4 'Structure model' 1 3 2024-02-21 
5 'Structure model' 1 4 2024-04-03 
# 
_pdbx_audit_revision_details.ordinal             1 
_pdbx_audit_revision_details.revision_ordinal    1 
_pdbx_audit_revision_details.data_content_type   'Structure model' 
_pdbx_audit_revision_details.provider            repository 
_pdbx_audit_revision_details.type                'Initial release' 
_pdbx_audit_revision_details.description         ? 
_pdbx_audit_revision_details.details             ? 
# 
loop_
_pdbx_audit_revision_group.ordinal 
_pdbx_audit_revision_group.revision_ordinal 
_pdbx_audit_revision_group.data_content_type 
_pdbx_audit_revision_group.group 
1 2 'Structure model' 'Version format compliance' 
2 3 'Structure model' 'Version format compliance' 
3 4 'Structure model' 'Data collection'           
4 4 'Structure model' 'Database references'       
5 4 'Structure model' 'Derived calculations'      
6 5 'Structure model' 'Refinement description'    
# 
loop_
_pdbx_audit_revision_category.ordinal 
_pdbx_audit_revision_category.revision_ordinal 
_pdbx_audit_revision_category.data_content_type 
_pdbx_audit_revision_category.category 
1 4 'Structure model' chem_comp_atom                
2 4 'Structure model' chem_comp_bond                
3 4 'Structure model' database_2                    
4 4 'Structure model' struct_conn                   
5 4 'Structure model' struct_site                   
6 5 'Structure model' pdbx_initial_refinement_model 
# 
loop_
_pdbx_audit_revision_item.ordinal 
_pdbx_audit_revision_item.revision_ordinal 
_pdbx_audit_revision_item.data_content_type 
_pdbx_audit_revision_item.item 
1 4 'Structure model' '_database_2.pdbx_DOI'                
2 4 'Structure model' '_database_2.pdbx_database_accession' 
3 4 'Structure model' '_struct_conn.pdbx_leaving_atom_flag' 
4 4 'Structure model' '_struct_site.pdbx_auth_asym_id'      
5 4 'Structure model' '_struct_site.pdbx_auth_comp_id'      
6 4 'Structure model' '_struct_site.pdbx_auth_seq_id'       
# 
_pdbx_database_status.status_code                     REL 
_pdbx_database_status.entry_id                        358D 
_pdbx_database_status.recvd_initial_deposition_date   1997-10-20 
_pdbx_database_status.deposit_site                    NDB 
_pdbx_database_status.process_site                    NDB 
_pdbx_database_status.status_code_sf                  REL 
_pdbx_database_status.status_code_mr                  ? 
_pdbx_database_status.SG_entry                        ? 
_pdbx_database_status.pdb_format_compatible           Y 
_pdbx_database_status.status_code_cs                  ? 
_pdbx_database_status.status_code_nmr_data            ? 
_pdbx_database_status.methods_development_category    ? 
# 
loop_
_audit_author.name 
_audit_author.pdbx_ordinal 
'Mitra, S.N.'       1 
'Chen, X.'          2 
'Sundaralingam, M.' 3 
# 
_citation.id                        primary 
_citation.title                     
'A novel end-to-end binding of two netropsins to the DNA decamers d(CCCCCIIIII)2, d(CCCBr5CCIIIII)2and d(CBr5CCCCIIIII)2.' 
_citation.journal_abbrev            'Nucleic Acids Res.' 
_citation.journal_volume            26 
_citation.page_first                5464 
_citation.page_last                 5471 
_citation.year                      1998 
_citation.journal_id_ASTM           NARHAD 
_citation.country                   UK 
_citation.journal_id_ISSN           0305-1048 
_citation.journal_id_CSD            0389 
_citation.book_publisher            ? 
_citation.pdbx_database_id_PubMed   9826773 
_citation.pdbx_database_id_DOI      10.1093/nar/26.23.5464 
# 
loop_
_citation_author.citation_id 
_citation_author.name 
_citation_author.ordinal 
_citation_author.identifier_ORCID 
primary 'Chen, X.'          1 ? 
primary 'Mitra, S.N.'       2 ? 
primary 'Rao, S.T.'         3 ? 
primary 'Sekar, K.'         4 ? 
primary 'Sundaralingam, M.' 5 ? 
# 
loop_
_entity.id 
_entity.type 
_entity.src_method 
_entity.pdbx_description 
_entity.formula_weight 
_entity.pdbx_number_of_molecules 
_entity.pdbx_ec 
_entity.pdbx_mutation 
_entity.pdbx_fragment 
_entity.details 
1 polymer     syn 
;DNA (5'-D(*CP*(CBR)P*CP*CP*CP*IP*IP*IP*IP*I)-3')
;
3050.807 2  ? ? ? ? 
2 non-polymer syn NETROPSIN                                          430.464  2  ? ? ? ? 
3 water       nat water                                              18.015   38 ? ? ? ? 
# 
_entity_poly.entity_id                      1 
_entity_poly.type                           polydeoxyribonucleotide 
_entity_poly.nstd_linkage                   no 
_entity_poly.nstd_monomer                   yes 
_entity_poly.pdbx_seq_one_letter_code       '(DC)(CBR)(DC)(DC)(DC)(DI)(DI)(DI)(DI)(DI)' 
_entity_poly.pdbx_seq_one_letter_code_can   CCCCCIIIII 
_entity_poly.pdbx_strand_id                 A,B 
_entity_poly.pdbx_target_identifier         ? 
# 
loop_
_pdbx_entity_nonpoly.entity_id 
_pdbx_entity_nonpoly.name 
_pdbx_entity_nonpoly.comp_id 
2 NETROPSIN NT  
3 water     HOH 
# 
loop_
_entity_poly_seq.entity_id 
_entity_poly_seq.num 
_entity_poly_seq.mon_id 
_entity_poly_seq.hetero 
1 1  DC  n 
1 2  CBR n 
1 3  DC  n 
1 4  DC  n 
1 5  DC  n 
1 6  DI  n 
1 7  DI  n 
1 8  DI  n 
1 9  DI  n 
1 10 DI  n 
# 
loop_
_chem_comp.id 
_chem_comp.type 
_chem_comp.mon_nstd_flag 
_chem_comp.name 
_chem_comp.pdbx_synonyms 
_chem_comp.formula 
_chem_comp.formula_weight 
CBR 'DNA linking' n "5-BROMO-2'-DEOXY-CYTIDINE-5'-MONOPHOSPHATE" ? 'C9 H13 Br N3 O7 P' 386.093 
DC  'DNA linking' y "2'-DEOXYCYTIDINE-5'-MONOPHOSPHATE"          ? 'C9 H14 N3 O7 P'    307.197 
DI  'DNA linking' y "2'-DEOXYINOSINE-5'-MONOPHOSPHATE"           ? 'C10 H13 N4 O7 P'   332.207 
HOH non-polymer   . WATER                                        ? 'H2 O'              18.015  
NT  non-polymer   . NETROPSIN                                    ? 'C18 H26 N10 O3'    430.464 
# 
loop_
_pdbx_poly_seq_scheme.asym_id 
_pdbx_poly_seq_scheme.entity_id 
_pdbx_poly_seq_scheme.seq_id 
_pdbx_poly_seq_scheme.mon_id 
_pdbx_poly_seq_scheme.ndb_seq_num 
_pdbx_poly_seq_scheme.pdb_seq_num 
_pdbx_poly_seq_scheme.auth_seq_num 
_pdbx_poly_seq_scheme.pdb_mon_id 
_pdbx_poly_seq_scheme.auth_mon_id 
_pdbx_poly_seq_scheme.pdb_strand_id 
_pdbx_poly_seq_scheme.pdb_ins_code 
_pdbx_poly_seq_scheme.hetero 
A 1 1  DC  1  1  1  DC  C A . n 
A 1 2  CBR 2  2  2  CBR C A . n 
A 1 3  DC  3  3  3  DC  C A . n 
A 1 4  DC  4  4  4  DC  C A . n 
A 1 5  DC  5  5  5  DC  C A . n 
A 1 6  DI  6  6  6  DI  I A . n 
A 1 7  DI  7  7  7  DI  I A . n 
A 1 8  DI  8  8  8  DI  I A . n 
A 1 9  DI  9  9  9  DI  I A . n 
A 1 10 DI  10 10 10 DI  I A . n 
B 1 1  DC  1  11 11 DC  C B . n 
B 1 2  CBR 2  12 12 CBR C B . n 
B 1 3  DC  3  13 13 DC  C B . n 
B 1 4  DC  4  14 14 DC  C B . n 
B 1 5  DC  5  15 15 DC  C B . n 
B 1 6  DI  6  16 16 DI  I B . n 
B 1 7  DI  7  17 17 DI  I B . n 
B 1 8  DI  8  18 18 DI  I B . n 
B 1 9  DI  9  19 19 DI  I B . n 
B 1 10 DI  10 20 20 DI  I B . n 
# 
loop_
_pdbx_nonpoly_scheme.asym_id 
_pdbx_nonpoly_scheme.entity_id 
_pdbx_nonpoly_scheme.mon_id 
_pdbx_nonpoly_scheme.ndb_seq_num 
_pdbx_nonpoly_scheme.pdb_seq_num 
_pdbx_nonpoly_scheme.auth_seq_num 
_pdbx_nonpoly_scheme.pdb_mon_id 
_pdbx_nonpoly_scheme.auth_mon_id 
_pdbx_nonpoly_scheme.pdb_strand_id 
_pdbx_nonpoly_scheme.pdb_ins_code 
C 2 NT  1  21 21 NT  NT  A . 
D 2 NT  1  22 22 NT  NT  A . 
E 3 HOH 1  23 23 HOH HOH A . 
E 3 HOH 2  24 24 HOH HOH A . 
E 3 HOH 3  25 25 HOH HOH A . 
E 3 HOH 4  26 26 HOH HOH A . 
E 3 HOH 5  30 30 HOH HOH A . 
E 3 HOH 6  32 32 HOH HOH A . 
E 3 HOH 7  33 33 HOH HOH A . 
E 3 HOH 8  34 34 HOH HOH A . 
E 3 HOH 9  37 37 HOH HOH A . 
E 3 HOH 10 38 38 HOH HOH A . 
E 3 HOH 11 39 39 HOH HOH A . 
E 3 HOH 12 40 40 HOH HOH A . 
E 3 HOH 13 41 41 HOH HOH A . 
E 3 HOH 14 43 43 HOH HOH A . 
E 3 HOH 15 45 45 HOH HOH A . 
E 3 HOH 16 49 49 HOH HOH A . 
E 3 HOH 17 51 51 HOH HOH A . 
E 3 HOH 18 52 52 HOH HOH A . 
E 3 HOH 19 53 53 HOH HOH A . 
E 3 HOH 20 54 54 HOH HOH A . 
E 3 HOH 21 55 55 HOH HOH A . 
E 3 HOH 22 56 56 HOH HOH A . 
E 3 HOH 23 57 57 HOH HOH A . 
E 3 HOH 24 60 60 HOH HOH A . 
F 3 HOH 1  27 27 HOH HOH B . 
F 3 HOH 2  28 28 HOH HOH B . 
F 3 HOH 3  29 29 HOH HOH B . 
F 3 HOH 4  31 31 HOH HOH B . 
F 3 HOH 5  35 35 HOH HOH B . 
F 3 HOH 6  36 36 HOH HOH B . 
F 3 HOH 7  42 42 HOH HOH B . 
F 3 HOH 8  44 44 HOH HOH B . 
F 3 HOH 9  46 46 HOH HOH B . 
F 3 HOH 10 47 47 HOH HOH B . 
F 3 HOH 11 48 48 HOH HOH B . 
F 3 HOH 12 50 50 HOH HOH B . 
F 3 HOH 13 58 58 HOH HOH B . 
F 3 HOH 14 59 59 HOH HOH B . 
# 
loop_
_software.name 
_software.classification 
_software.version 
_software.citation_id 
_software.pdbx_ordinal 
AMoRE  phasing          . ? 1 
X-PLOR refinement       . ? 2 
MSC    'data reduction' . ? 3 
# 
_cell.entry_id           358D 
_cell.length_a           32.130 
_cell.length_b           32.130 
_cell.length_c           143.920 
_cell.angle_alpha        90.00 
_cell.angle_beta         90.00 
_cell.angle_gamma        120.00 
_cell.Z_PDB              12 
_cell.pdbx_unique_axis   ? 
# 
_symmetry.entry_id                         358D 
_symmetry.space_group_name_H-M             'P 61' 
_symmetry.pdbx_full_space_group_name_H-M   ? 
_symmetry.cell_setting                     ? 
_symmetry.Int_Tables_number                169 
# 
_exptl.entry_id          358D 
_exptl.method            'X-RAY DIFFRACTION' 
_exptl.crystals_number   1 
# 
_exptl_crystal.id                    1 
_exptl_crystal.density_meas          ? 
_exptl_crystal.density_percent_sol   64.07 
_exptl_crystal.density_Matthews      3.42 
_exptl_crystal.description           ? 
# 
_exptl_crystal_grow.crystal_id      1 
_exptl_crystal_grow.method          'VAPOR DIFFUSION' 
_exptl_crystal_grow.temp            ? 
_exptl_crystal_grow.temp_details    ? 
_exptl_crystal_grow.pH              7.00 
_exptl_crystal_grow.pdbx_details    'pH 7.00, VAPOR DIFFUSION' 
_exptl_crystal_grow.pdbx_pH_range   ? 
# 
_diffrn.id                     1 
_diffrn.ambient_temp           293.00 
_diffrn.ambient_temp_details   ? 
_diffrn.crystal_id             1 
# 
_diffrn_detector.diffrn_id              1 
_diffrn_detector.detector               'IMAGE PLATE' 
_diffrn_detector.type                   'RIGAKU RAXIS IIC' 
_diffrn_detector.pdbx_collection_date   ? 
_diffrn_detector.details                ? 
# 
_diffrn_radiation.diffrn_id                        1 
_diffrn_radiation.wavelength_id                    1 
_diffrn_radiation.pdbx_monochromatic_or_laue_m_l   M 
_diffrn_radiation.monochromator                    GRAPHITE 
_diffrn_radiation.pdbx_diffrn_protocol             'SINGLE WAVELENGTH' 
_diffrn_radiation.pdbx_scattering_type             x-ray 
# 
_diffrn_radiation_wavelength.id           1 
_diffrn_radiation_wavelength.wavelength   . 
_diffrn_radiation_wavelength.wt           1.0 
# 
_diffrn_source.diffrn_id                   1 
_diffrn_source.source                      ? 
_diffrn_source.type                        ? 
_diffrn_source.pdbx_synchrotron_site       ? 
_diffrn_source.pdbx_synchrotron_beamline   ? 
_diffrn_source.pdbx_wavelength             ? 
_diffrn_source.pdbx_wavelength_list        ? 
# 
_reflns.entry_id                     358D 
_reflns.observed_criterion_sigma_I   4.000 
_reflns.observed_criterion_sigma_F   ? 
_reflns.d_resolution_low             26.000 
_reflns.d_resolution_high            2.500 
_reflns.number_obs                   1746 
_reflns.number_all                   ? 
_reflns.percent_possible_obs         60.300 
_reflns.pdbx_Rmerge_I_obs            0.059 
_reflns.pdbx_Rsym_value              ? 
_reflns.pdbx_netI_over_sigmaI        3.140 
_reflns.B_iso_Wilson_estimate        22.80 
_reflns.pdbx_redundancy              ? 
_reflns.R_free_details               ? 
_reflns.pdbx_diffrn_id               1 
_reflns.pdbx_ordinal                 1 
# 
_reflns_shell.d_res_high             2.500 
_reflns_shell.d_res_low              2.670 
_reflns_shell.percent_possible_all   13.60 
_reflns_shell.Rmerge_I_obs           0.139 
_reflns_shell.pdbx_Rsym_value        ? 
_reflns_shell.meanI_over_sigI_obs    3.100 
_reflns_shell.pdbx_redundancy        ? 
_reflns_shell.percent_possible_obs   ? 
_reflns_shell.number_unique_all      ? 
_reflns_shell.pdbx_diffrn_id         ? 
_reflns_shell.pdbx_ordinal           1 
# 
_refine.entry_id                                 358D 
_refine.ls_number_reflns_obs                     1667 
_refine.ls_number_reflns_all                     ? 
_refine.pdbx_ls_sigma_I                          ? 
_refine.pdbx_ls_sigma_F                          2.000 
_refine.pdbx_data_cutoff_high_absF               ? 
_refine.pdbx_data_cutoff_low_absF                ? 
_refine.pdbx_data_cutoff_high_rms_absF           ? 
_refine.ls_d_res_low                             8.000 
_refine.ls_d_res_high                            2.500 
_refine.ls_percent_reflns_obs                    60.300 
_refine.ls_R_factor_obs                          0.211 
_refine.ls_R_factor_all                          ? 
_refine.ls_R_factor_R_work                       0.211 
_refine.ls_R_factor_R_free                       0.298 
_refine.ls_R_factor_R_free_error                 ? 
_refine.ls_R_factor_R_free_error_details         ? 
_refine.ls_percent_reflns_R_free                 10.00 
_refine.ls_number_reflns_R_free                  163 
_refine.ls_number_parameters                     ? 
_refine.ls_number_restraints                     ? 
_refine.occupancy_min                            ? 
_refine.occupancy_max                            ? 
_refine.B_iso_mean                               17.80 
_refine.aniso_B[1][1]                            ? 
_refine.aniso_B[2][2]                            ? 
_refine.aniso_B[3][3]                            ? 
_refine.aniso_B[1][2]                            ? 
_refine.aniso_B[1][3]                            ? 
_refine.aniso_B[2][3]                            ? 
_refine.solvent_model_details                    ? 
_refine.solvent_model_param_ksol                 ? 
_refine.solvent_model_param_bsol                 ? 
_refine.pdbx_ls_cross_valid_method               ? 
_refine.details                                  ? 
_refine.pdbx_starting_model                      'D(CCCCCIIIII)' 
_refine.pdbx_method_to_determine_struct          ? 
_refine.pdbx_isotropic_thermal_model             ? 
_refine.pdbx_stereochemistry_target_values       ? 
_refine.pdbx_stereochem_target_val_spec_case     ? 
_refine.pdbx_R_Free_selection_details            ? 
_refine.pdbx_overall_ESU_R                       ? 
_refine.pdbx_overall_ESU_R_Free                  ? 
_refine.overall_SU_ML                            ? 
_refine.overall_SU_B                             ? 
_refine.ls_redundancy_reflns_obs                 ? 
_refine.correlation_coeff_Fo_to_Fc               ? 
_refine.correlation_coeff_Fo_to_Fc_free          ? 
_refine.overall_SU_R_Cruickshank_DPI             ? 
_refine.overall_SU_R_free                        ? 
_refine.pdbx_refine_id                           'X-RAY DIFFRACTION' 
_refine.pdbx_diffrn_id                           1 
_refine.pdbx_TLS_residual_ADP_flag               ? 
_refine.pdbx_solvent_vdw_probe_radii             ? 
_refine.pdbx_solvent_ion_probe_radii             ? 
_refine.pdbx_solvent_shrinkage_radii             ? 
_refine.pdbx_overall_phase_error                 ? 
_refine.pdbx_overall_SU_R_free_Cruickshank_DPI   ? 
_refine.pdbx_overall_SU_R_Blow_DPI               ? 
_refine.pdbx_overall_SU_R_free_Blow_DPI          ? 
# 
_refine_hist.pdbx_refine_id                   'X-RAY DIFFRACTION' 
_refine_hist.cycle_id                         LAST 
_refine_hist.pdbx_number_atoms_protein        0 
_refine_hist.pdbx_number_atoms_nucleic_acid   394 
_refine_hist.pdbx_number_atoms_ligand         64 
_refine_hist.number_atoms_solvent             38 
_refine_hist.number_atoms_total               496 
_refine_hist.d_res_high                       2.500 
_refine_hist.d_res_low                        8.000 
# 
loop_
_refine_ls_restr.type 
_refine_ls_restr.dev_ideal 
_refine_ls_restr.dev_ideal_target 
_refine_ls_restr.weight 
_refine_ls_restr.number 
_refine_ls_restr.pdbx_refine_id 
_refine_ls_restr.pdbx_restraint_function 
x_bond_d                0.008 ? ? ? 'X-RAY DIFFRACTION' ? 
x_bond_d_na             ?     ? ? ? 'X-RAY DIFFRACTION' ? 
x_bond_d_prot           ?     ? ? ? 'X-RAY DIFFRACTION' ? 
x_angle_d               1.690 ? ? ? 'X-RAY DIFFRACTION' ? 
x_angle_d_na            ?     ? ? ? 'X-RAY DIFFRACTION' ? 
x_angle_d_prot          ?     ? ? ? 'X-RAY DIFFRACTION' ? 
x_angle_deg             ?     ? ? ? 'X-RAY DIFFRACTION' ? 
x_angle_deg_na          ?     ? ? ? 'X-RAY DIFFRACTION' ? 
x_angle_deg_prot        ?     ? ? ? 'X-RAY DIFFRACTION' ? 
x_dihedral_angle_d      21.2  ? ? ? 'X-RAY DIFFRACTION' ? 
x_dihedral_angle_d_na   ?     ? ? ? 'X-RAY DIFFRACTION' ? 
x_dihedral_angle_d_prot ?     ? ? ? 'X-RAY DIFFRACTION' ? 
x_improper_angle_d      1.38  ? ? ? 'X-RAY DIFFRACTION' ? 
x_improper_angle_d_na   ?     ? ? ? 'X-RAY DIFFRACTION' ? 
x_improper_angle_d_prot ?     ? ? ? 'X-RAY DIFFRACTION' ? 
x_mcbond_it             ?     ? ? ? 'X-RAY DIFFRACTION' ? 
x_mcangle_it            ?     ? ? ? 'X-RAY DIFFRACTION' ? 
x_scbond_it             ?     ? ? ? 'X-RAY DIFFRACTION' ? 
x_scangle_it            ?     ? ? ? 'X-RAY DIFFRACTION' ? 
# 
loop_
_pdbx_xplor_file.serial_no 
_pdbx_xplor_file.param_file 
_pdbx_xplor_file.topol_file 
_pdbx_xplor_file.pdbx_refine_id 
1 PARAM_ND.DNA TOP_NDBX.DNA 'X-RAY DIFFRACTION' 
2 PARAM.NET    TOPOLOGY.NET 'X-RAY DIFFRACTION' 
# 
_struct.entry_id                  358D 
_struct.title                     
'CRYSTAL STRUCTURE OF THE 2:1 NETROPSIN-DNA DECAMER D(CBRCCCCIIIII) COMPLEX WITH END-TO-END BINDING' 
_struct.pdbx_model_details        ? 
_struct.pdbx_CASP_flag            ? 
_struct.pdbx_model_type_details   ? 
# 
_struct_keywords.entry_id        358D 
_struct_keywords.pdbx_keywords   DNA 
_struct_keywords.text            'B-DNA, DOUBLE HELIX, COMPLEXED WITH DRUG, MODIFIED, DNA' 
# 
loop_
_struct_asym.id 
_struct_asym.pdbx_blank_PDB_chainid_flag 
_struct_asym.pdbx_modified 
_struct_asym.entity_id 
_struct_asym.details 
A N N 1 ? 
B N N 1 ? 
C N N 2 ? 
D N N 2 ? 
E N N 3 ? 
F N N 3 ? 
# 
_struct_ref.id                         1 
_struct_ref.entity_id                  1 
_struct_ref.db_name                    PDB 
_struct_ref.db_code                    358D 
_struct_ref.pdbx_db_accession          358D 
_struct_ref.pdbx_db_isoform            ? 
_struct_ref.pdbx_seq_one_letter_code   ? 
_struct_ref.pdbx_align_begin           ? 
# 
loop_
_struct_ref_seq.align_id 
_struct_ref_seq.ref_id 
_struct_ref_seq.pdbx_PDB_id_code 
_struct_ref_seq.pdbx_strand_id 
_struct_ref_seq.seq_align_beg 
_struct_ref_seq.pdbx_seq_align_beg_ins_code 
_struct_ref_seq.seq_align_end 
_struct_ref_seq.pdbx_seq_align_end_ins_code 
_struct_ref_seq.pdbx_db_accession 
_struct_ref_seq.db_align_beg 
_struct_ref_seq.pdbx_db_align_beg_ins_code 
_struct_ref_seq.db_align_end 
_struct_ref_seq.pdbx_db_align_end_ins_code 
_struct_ref_seq.pdbx_auth_seq_align_beg 
_struct_ref_seq.pdbx_auth_seq_align_end 
1 1 358D A 1 ? 10 ? 358D 1  ? 10 ? 1  10 
2 1 358D B 1 ? 10 ? 358D 11 ? 20 ? 11 20 
# 
_pdbx_struct_assembly.id                   1 
_pdbx_struct_assembly.details              author_defined_assembly 
_pdbx_struct_assembly.method_details       ? 
_pdbx_struct_assembly.oligomeric_details   dimeric 
_pdbx_struct_assembly.oligomeric_count     2 
# 
_pdbx_struct_assembly_gen.assembly_id       1 
_pdbx_struct_assembly_gen.oper_expression   1 
_pdbx_struct_assembly_gen.asym_id_list      A,B,C,D,E,F 
# 
_pdbx_struct_oper_list.id                   1 
_pdbx_struct_oper_list.type                 'identity operation' 
_pdbx_struct_oper_list.name                 1_555 
_pdbx_struct_oper_list.symmetry_operation   x,y,z 
_pdbx_struct_oper_list.matrix[1][1]         1.0000000000 
_pdbx_struct_oper_list.matrix[1][2]         0.0000000000 
_pdbx_struct_oper_list.matrix[1][3]         0.0000000000 
_pdbx_struct_oper_list.vector[1]            0.0000000000 
_pdbx_struct_oper_list.matrix[2][1]         0.0000000000 
_pdbx_struct_oper_list.matrix[2][2]         1.0000000000 
_pdbx_struct_oper_list.matrix[2][3]         0.0000000000 
_pdbx_struct_oper_list.vector[2]            0.0000000000 
_pdbx_struct_oper_list.matrix[3][1]         0.0000000000 
_pdbx_struct_oper_list.matrix[3][2]         0.0000000000 
_pdbx_struct_oper_list.matrix[3][3]         1.0000000000 
_pdbx_struct_oper_list.vector[3]            0.0000000000 
# 
_struct_biol.id                    1 
_struct_biol.pdbx_parent_biol_id   ? 
_struct_biol.details               ? 
# 
loop_
_struct_conn.id 
_struct_conn.conn_type_id 
_struct_conn.pdbx_leaving_atom_flag 
_struct_conn.pdbx_PDB_id 
_struct_conn.ptnr1_label_asym_id 
_struct_conn.ptnr1_label_comp_id 
_struct_conn.ptnr1_label_seq_id 
_struct_conn.ptnr1_label_atom_id 
_struct_conn.pdbx_ptnr1_label_alt_id 
_struct_conn.pdbx_ptnr1_PDB_ins_code 
_struct_conn.pdbx_ptnr1_standard_comp_id 
_struct_conn.ptnr1_symmetry 
_struct_conn.ptnr2_label_asym_id 
_struct_conn.ptnr2_label_comp_id 
_struct_conn.ptnr2_label_seq_id 
_struct_conn.ptnr2_label_atom_id 
_struct_conn.pdbx_ptnr2_label_alt_id 
_struct_conn.pdbx_ptnr2_PDB_ins_code 
_struct_conn.ptnr1_auth_asym_id 
_struct_conn.ptnr1_auth_comp_id 
_struct_conn.ptnr1_auth_seq_id 
_struct_conn.ptnr2_auth_asym_id 
_struct_conn.ptnr2_auth_comp_id 
_struct_conn.ptnr2_auth_seq_id 
_struct_conn.ptnr2_symmetry 
_struct_conn.pdbx_ptnr3_label_atom_id 
_struct_conn.pdbx_ptnr3_label_seq_id 
_struct_conn.pdbx_ptnr3_label_comp_id 
_struct_conn.pdbx_ptnr3_label_asym_id 
_struct_conn.pdbx_ptnr3_label_alt_id 
_struct_conn.pdbx_ptnr3_PDB_ins_code 
_struct_conn.details 
_struct_conn.pdbx_dist_value 
_struct_conn.pdbx_value_order 
_struct_conn.pdbx_role 
covale1 covale both ? A DC  1 "O3'" ? ? ? 1_555 A CBR 2 P ? ? A DC  1  A CBR 2  1_555 ? ? ? ? ? ? ? 1.612 ? ? 
covale2 covale both ? A CBR 2 "O3'" ? ? ? 1_555 A DC  3 P ? ? A CBR 2  A DC  3  1_555 ? ? ? ? ? ? ? 1.611 ? ? 
covale3 covale both ? B DC  1 "O3'" ? ? ? 1_555 B CBR 2 P ? ? B DC  11 B CBR 12 1_555 ? ? ? ? ? ? ? 1.608 ? ? 
covale4 covale both ? B CBR 2 "O3'" ? ? ? 1_555 B DC  3 P ? ? B CBR 12 B DC  13 1_555 ? ? ? ? ? ? ? 1.609 ? ? 
# 
_struct_conn_type.id          covale 
_struct_conn_type.criteria    ? 
_struct_conn_type.reference   ? 
# 
loop_
_struct_site.id 
_struct_site.pdbx_evidence_code 
_struct_site.pdbx_auth_asym_id 
_struct_site.pdbx_auth_comp_id 
_struct_site.pdbx_auth_seq_id 
_struct_site.pdbx_auth_ins_code 
_struct_site.pdbx_num_residues 
_struct_site.details 
AC1 Software A NT 21 ? 13 'BINDING SITE FOR RESIDUE NT A 21' 
AC2 Software A NT 22 ? 12 'BINDING SITE FOR RESIDUE NT A 22' 
1   ?        ? ?  ?  ? ?  ?                                  
# 
loop_
_struct_site_gen.id 
_struct_site_gen.site_id 
_struct_site_gen.pdbx_num_res 
_struct_site_gen.label_comp_id 
_struct_site_gen.label_asym_id 
_struct_site_gen.label_seq_id 
_struct_site_gen.pdbx_auth_ins_code 
_struct_site_gen.auth_comp_id 
_struct_site_gen.auth_asym_id 
_struct_site_gen.auth_seq_id 
_struct_site_gen.label_atom_id 
_struct_site_gen.label_alt_id 
_struct_site_gen.symmetry 
_struct_site_gen.details 
1  AC1 13 DC  A 1  ? DC  A 1  . ? 1_555 ? 
2  AC1 13 CBR A 2  ? CBR A 2  . ? 1_555 ? 
3  AC1 13 DC  A 3  ? DC  A 3  . ? 1_555 ? 
4  AC1 13 DC  A 4  ? DC  A 4  . ? 1_555 ? 
5  AC1 13 DC  A 5  ? DC  A 5  . ? 1_555 ? 
6  AC1 13 DI  A 6  ? DI  A 6  . ? 1_555 ? 
7  AC1 13 HOH E .  ? HOH A 54 . ? 1_555 ? 
8  AC1 13 HOH E .  ? HOH A 55 . ? 1_555 ? 
9  AC1 13 DC  B 1  ? DC  B 11 . ? 1_545 ? 
10 AC1 13 CBR B 2  ? CBR B 12 . ? 1_545 ? 
11 AC1 13 DI  B 8  ? DI  B 18 . ? 1_555 ? 
12 AC1 13 DI  B 9  ? DI  B 19 . ? 1_555 ? 
13 AC1 13 DI  B 10 ? DI  B 20 . ? 1_555 ? 
14 AC2 12 DC  A 1  ? DC  A 1  . ? 1_565 ? 
15 AC2 12 DI  A 6  ? DI  A 6  . ? 1_555 ? 
16 AC2 12 DI  A 7  ? DI  A 7  . ? 1_555 ? 
17 AC2 12 DI  A 8  ? DI  A 8  . ? 1_555 ? 
18 AC2 12 DI  A 9  ? DI  A 9  . ? 1_555 ? 
19 AC2 12 DI  A 10 ? DI  A 10 . ? 1_555 ? 
20 AC2 12 HOH E .  ? HOH A 55 . ? 1_565 ? 
21 AC2 12 CBR B 2  ? CBR B 12 . ? 1_555 ? 
22 AC2 12 DC  B 3  ? DC  B 13 . ? 1_555 ? 
23 AC2 12 DC  B 5  ? DC  B 15 . ? 1_555 ? 
24 AC2 12 DI  B 6  ? DI  B 16 . ? 1_555 ? 
25 AC2 12 DI  B 7  ? DI  B 17 . ? 1_555 ? 
# 
_pdbx_validate_planes.id              1 
_pdbx_validate_planes.PDB_model_num   1 
_pdbx_validate_planes.auth_comp_id    DI 
_pdbx_validate_planes.auth_asym_id    A 
_pdbx_validate_planes.auth_seq_id     6 
_pdbx_validate_planes.PDB_ins_code    ? 
_pdbx_validate_planes.label_alt_id    ? 
_pdbx_validate_planes.rmsd            0.053 
_pdbx_validate_planes.type            'SIDE CHAIN' 
# 
loop_
_pdbx_struct_mod_residue.id 
_pdbx_struct_mod_residue.label_asym_id 
_pdbx_struct_mod_residue.label_comp_id 
_pdbx_struct_mod_residue.label_seq_id 
_pdbx_struct_mod_residue.auth_asym_id 
_pdbx_struct_mod_residue.auth_comp_id 
_pdbx_struct_mod_residue.auth_seq_id 
_pdbx_struct_mod_residue.PDB_ins_code 
_pdbx_struct_mod_residue.parent_comp_id 
_pdbx_struct_mod_residue.details 
1 A CBR 2 A CBR 2  ? DC ? 
2 B CBR 2 B CBR 12 ? DC ? 
# 
_struct_site_keywords.site_id   1 
_struct_site_keywords.text      'MINOR GROOVE BINDER' 
# 
loop_
_chem_comp_atom.comp_id 
_chem_comp_atom.atom_id 
_chem_comp_atom.type_symbol 
_chem_comp_atom.pdbx_aromatic_flag 
_chem_comp_atom.pdbx_stereo_config 
_chem_comp_atom.pdbx_ordinal 
CBR BR     BR N N 1   
CBR P      P  N N 2   
CBR OP1    O  N N 3   
CBR OP2    O  N N 4   
CBR "O5'"  O  N N 5   
CBR N1     N  N N 6   
CBR C6     C  N N 7   
CBR C2     C  N N 8   
CBR O2     O  N N 9   
CBR N3     N  N N 10  
CBR C4     C  N N 11  
CBR N4     N  N N 12  
CBR C5     C  N N 13  
CBR "C2'"  C  N N 14  
CBR "C5'"  C  N N 15  
CBR "C4'"  C  N R 16  
CBR "O4'"  O  N N 17  
CBR "C1'"  C  N R 18  
CBR "C3'"  C  N S 19  
CBR "O3'"  O  N N 20  
CBR OP3    O  N N 21  
CBR HOP2   H  N N 22  
CBR H6     H  N N 23  
CBR H41    H  N N 24  
CBR H42    H  N N 25  
CBR "H2'"  H  N N 26  
CBR "H2''" H  N N 27  
CBR "H5'"  H  N N 28  
CBR "H5''" H  N N 29  
CBR "H4'"  H  N N 30  
CBR "H1'"  H  N N 31  
CBR "H3'"  H  N N 32  
CBR "HO3'" H  N N 33  
CBR HOP3   H  N N 34  
DC  OP3    O  N N 35  
DC  P      P  N N 36  
DC  OP1    O  N N 37  
DC  OP2    O  N N 38  
DC  "O5'"  O  N N 39  
DC  "C5'"  C  N N 40  
DC  "C4'"  C  N R 41  
DC  "O4'"  O  N N 42  
DC  "C3'"  C  N S 43  
DC  "O3'"  O  N N 44  
DC  "C2'"  C  N N 45  
DC  "C1'"  C  N R 46  
DC  N1     N  N N 47  
DC  C2     C  N N 48  
DC  O2     O  N N 49  
DC  N3     N  N N 50  
DC  C4     C  N N 51  
DC  N4     N  N N 52  
DC  C5     C  N N 53  
DC  C6     C  N N 54  
DC  HOP3   H  N N 55  
DC  HOP2   H  N N 56  
DC  "H5'"  H  N N 57  
DC  "H5''" H  N N 58  
DC  "H4'"  H  N N 59  
DC  "H3'"  H  N N 60  
DC  "HO3'" H  N N 61  
DC  "H2'"  H  N N 62  
DC  "H2''" H  N N 63  
DC  "H1'"  H  N N 64  
DC  H41    H  N N 65  
DC  H42    H  N N 66  
DC  H5     H  N N 67  
DC  H6     H  N N 68  
DI  OP3    O  N N 69  
DI  P      P  N N 70  
DI  OP1    O  N N 71  
DI  OP2    O  N N 72  
DI  "O5'"  O  N N 73  
DI  "C5'"  C  N N 74  
DI  "C4'"  C  N R 75  
DI  "O4'"  O  N N 76  
DI  "C3'"  C  N S 77  
DI  "O3'"  O  N N 78  
DI  "C2'"  C  N N 79  
DI  "C1'"  C  N R 80  
DI  N9     N  Y N 81  
DI  C8     C  Y N 82  
DI  N7     N  Y N 83  
DI  C5     C  Y N 84  
DI  C6     C  N N 85  
DI  O6     O  N N 86  
DI  N1     N  N N 87  
DI  C2     C  N N 88  
DI  N3     N  N N 89  
DI  C4     C  Y N 90  
DI  HOP3   H  N N 91  
DI  HOP2   H  N N 92  
DI  "H5'"  H  N N 93  
DI  "H5''" H  N N 94  
DI  "H4'"  H  N N 95  
DI  "H3'"  H  N N 96  
DI  "HO3'" H  N N 97  
DI  "H2'"  H  N N 98  
DI  "H2''" H  N N 99  
DI  "H1'"  H  N N 100 
DI  H8     H  N N 101 
DI  H1     H  N N 102 
DI  H2     H  N N 103 
HOH O      O  N N 104 
HOH H1     H  N N 105 
HOH H2     H  N N 106 
NT  C1     C  N N 107 
NT  N1     N  N N 108 
NT  N2     N  N N 109 
NT  N3     N  N N 110 
NT  C2     C  N N 111 
NT  C3     C  N N 112 
NT  O1     O  N N 113 
NT  N4     N  N N 114 
NT  C4     C  Y N 115 
NT  C5     C  Y N 116 
NT  C6     C  Y N 117 
NT  N5     N  Y N 118 
NT  C8     C  N N 119 
NT  C7     C  Y N 120 
NT  C9     C  N N 121 
NT  O2     O  N N 122 
NT  N6     N  N N 123 
NT  C10    C  Y N 124 
NT  C11    C  Y N 125 
NT  C12    C  Y N 126 
NT  N7     N  Y N 127 
NT  C14    C  N N 128 
NT  C13    C  Y N 129 
NT  C15    C  N N 130 
NT  O3     O  N N 131 
NT  N8     N  N N 132 
NT  C16    C  N N 133 
NT  C17    C  N N 134 
NT  C18    C  N N 135 
NT  N9     N  N N 136 
NT  N10    N  N N 137 
NT  HN1    H  N N 138 
NT  HN21   H  N N 139 
NT  HN22   H  N N 140 
NT  HN3    H  N N 141 
NT  H21    H  N N 142 
NT  H22    H  N N 143 
NT  HN4    H  N N 144 
NT  H5     H  N N 145 
NT  H81    H  N N 146 
NT  H82    H  N N 147 
NT  H83    H  N N 148 
NT  H7     H  N N 149 
NT  HN6    H  N N 150 
NT  H11    H  N N 151 
NT  H141   H  N N 152 
NT  H142   H  N N 153 
NT  H143   H  N N 154 
NT  H13    H  N N 155 
NT  HN8    H  N N 156 
NT  H161   H  N N 157 
NT  H162   H  N N 158 
NT  H171   H  N N 159 
NT  H172   H  N N 160 
NT  HN9    H  N N 161 
NT  HN01   H  N N 162 
NT  HN02   H  N N 163 
# 
loop_
_chem_comp_bond.comp_id 
_chem_comp_bond.atom_id_1 
_chem_comp_bond.atom_id_2 
_chem_comp_bond.value_order 
_chem_comp_bond.pdbx_aromatic_flag 
_chem_comp_bond.pdbx_stereo_config 
_chem_comp_bond.pdbx_ordinal 
CBR BR    C5     sing N N 1   
CBR P     OP1    doub N N 2   
CBR P     OP2    sing N N 3   
CBR P     "O5'"  sing N N 4   
CBR P     OP3    sing N N 5   
CBR OP2   HOP2   sing N N 6   
CBR "O5'" "C5'"  sing N N 7   
CBR N1    C6     sing N N 8   
CBR N1    C2     sing N N 9   
CBR N1    "C1'"  sing N N 10  
CBR C6    C5     doub N N 11  
CBR C6    H6     sing N N 12  
CBR C2    O2     doub N N 13  
CBR C2    N3     sing N N 14  
CBR N3    C4     doub N N 15  
CBR C4    N4     sing N N 16  
CBR C4    C5     sing N N 17  
CBR N4    H41    sing N N 18  
CBR N4    H42    sing N N 19  
CBR "C2'" "C1'"  sing N N 20  
CBR "C2'" "C3'"  sing N N 21  
CBR "C2'" "H2'"  sing N N 22  
CBR "C2'" "H2''" sing N N 23  
CBR "C5'" "C4'"  sing N N 24  
CBR "C5'" "H5'"  sing N N 25  
CBR "C5'" "H5''" sing N N 26  
CBR "C4'" "O4'"  sing N N 27  
CBR "C4'" "C3'"  sing N N 28  
CBR "C4'" "H4'"  sing N N 29  
CBR "O4'" "C1'"  sing N N 30  
CBR "C1'" "H1'"  sing N N 31  
CBR "C3'" "O3'"  sing N N 32  
CBR "C3'" "H3'"  sing N N 33  
CBR "O3'" "HO3'" sing N N 34  
CBR OP3   HOP3   sing N N 35  
DC  OP3   P      sing N N 36  
DC  OP3   HOP3   sing N N 37  
DC  P     OP1    doub N N 38  
DC  P     OP2    sing N N 39  
DC  P     "O5'"  sing N N 40  
DC  OP2   HOP2   sing N N 41  
DC  "O5'" "C5'"  sing N N 42  
DC  "C5'" "C4'"  sing N N 43  
DC  "C5'" "H5'"  sing N N 44  
DC  "C5'" "H5''" sing N N 45  
DC  "C4'" "O4'"  sing N N 46  
DC  "C4'" "C3'"  sing N N 47  
DC  "C4'" "H4'"  sing N N 48  
DC  "O4'" "C1'"  sing N N 49  
DC  "C3'" "O3'"  sing N N 50  
DC  "C3'" "C2'"  sing N N 51  
DC  "C3'" "H3'"  sing N N 52  
DC  "O3'" "HO3'" sing N N 53  
DC  "C2'" "C1'"  sing N N 54  
DC  "C2'" "H2'"  sing N N 55  
DC  "C2'" "H2''" sing N N 56  
DC  "C1'" N1     sing N N 57  
DC  "C1'" "H1'"  sing N N 58  
DC  N1    C2     sing N N 59  
DC  N1    C6     sing N N 60  
DC  C2    O2     doub N N 61  
DC  C2    N3     sing N N 62  
DC  N3    C4     doub N N 63  
DC  C4    N4     sing N N 64  
DC  C4    C5     sing N N 65  
DC  N4    H41    sing N N 66  
DC  N4    H42    sing N N 67  
DC  C5    C6     doub N N 68  
DC  C5    H5     sing N N 69  
DC  C6    H6     sing N N 70  
DI  OP3   P      sing N N 71  
DI  OP3   HOP3   sing N N 72  
DI  P     OP1    doub N N 73  
DI  P     OP2    sing N N 74  
DI  P     "O5'"  sing N N 75  
DI  OP2   HOP2   sing N N 76  
DI  "O5'" "C5'"  sing N N 77  
DI  "C5'" "C4'"  sing N N 78  
DI  "C5'" "H5'"  sing N N 79  
DI  "C5'" "H5''" sing N N 80  
DI  "C4'" "O4'"  sing N N 81  
DI  "C4'" "C3'"  sing N N 82  
DI  "C4'" "H4'"  sing N N 83  
DI  "O4'" "C1'"  sing N N 84  
DI  "C3'" "O3'"  sing N N 85  
DI  "C3'" "C2'"  sing N N 86  
DI  "C3'" "H3'"  sing N N 87  
DI  "O3'" "HO3'" sing N N 88  
DI  "C2'" "C1'"  sing N N 89  
DI  "C2'" "H2'"  sing N N 90  
DI  "C2'" "H2''" sing N N 91  
DI  "C1'" N9     sing N N 92  
DI  "C1'" "H1'"  sing N N 93  
DI  N9    C8     sing Y N 94  
DI  N9    C4     sing Y N 95  
DI  C8    N7     doub Y N 96  
DI  C8    H8     sing N N 97  
DI  N7    C5     sing Y N 98  
DI  C5    C6     sing N N 99  
DI  C5    C4     doub Y N 100 
DI  C6    O6     doub N N 101 
DI  C6    N1     sing N N 102 
DI  N1    C2     sing N N 103 
DI  N1    H1     sing N N 104 
DI  C2    N3     doub N N 105 
DI  C2    H2     sing N N 106 
DI  N3    C4     sing N N 107 
HOH O     H1     sing N N 108 
HOH O     H2     sing N N 109 
NT  C1    N1     doub N N 110 
NT  C1    N2     sing N N 111 
NT  C1    N3     sing N N 112 
NT  N1    HN1    sing N N 113 
NT  N2    HN21   sing N N 114 
NT  N2    HN22   sing N N 115 
NT  N3    C2     sing N N 116 
NT  N3    HN3    sing N N 117 
NT  C2    C3     sing N N 118 
NT  C2    H21    sing N N 119 
NT  C2    H22    sing N N 120 
NT  C3    O1     doub N N 121 
NT  C3    N4     sing N N 122 
NT  N4    C4     sing N N 123 
NT  N4    HN4    sing N N 124 
NT  C4    C5     sing Y N 125 
NT  C4    C7     doub Y N 126 
NT  C5    C6     doub Y N 127 
NT  C5    H5     sing N N 128 
NT  C6    N5     sing Y N 129 
NT  C6    C9     sing N N 130 
NT  N5    C8     sing N N 131 
NT  N5    C7     sing Y N 132 
NT  C8    H81    sing N N 133 
NT  C8    H82    sing N N 134 
NT  C8    H83    sing N N 135 
NT  C7    H7     sing N N 136 
NT  C9    O2     doub N N 137 
NT  C9    N6     sing N N 138 
NT  N6    C10    sing N N 139 
NT  N6    HN6    sing N N 140 
NT  C10   C11    sing Y N 141 
NT  C10   C13    doub Y N 142 
NT  C11   C12    doub Y N 143 
NT  C11   H11    sing N N 144 
NT  C12   N7     sing Y N 145 
NT  C12   C15    sing N N 146 
NT  N7    C14    sing N N 147 
NT  N7    C13    sing Y N 148 
NT  C14   H141   sing N N 149 
NT  C14   H142   sing N N 150 
NT  C14   H143   sing N N 151 
NT  C13   H13    sing N N 152 
NT  C15   O3     doub N N 153 
NT  C15   N8     sing N N 154 
NT  N8    C16    sing N N 155 
NT  N8    HN8    sing N N 156 
NT  C16   C17    sing N N 157 
NT  C16   H161   sing N N 158 
NT  C16   H162   sing N N 159 
NT  C17   C18    sing N N 160 
NT  C17   H171   sing N N 161 
NT  C17   H172   sing N N 162 
NT  C18   N9     doub N N 163 
NT  C18   N10    sing N N 164 
NT  N9    HN9    sing N N 165 
NT  N10   HN01   sing N N 166 
NT  N10   HN02   sing N N 167 
# 
_pdbx_initial_refinement_model.accession_code   ? 
_pdbx_initial_refinement_model.id               1 
_pdbx_initial_refinement_model.entity_id_list   ? 
_pdbx_initial_refinement_model.type             'experimental model' 
_pdbx_initial_refinement_model.source_name      Other 
_pdbx_initial_refinement_model.details          'fiber B-DNA' 
# 
_atom_sites.entry_id                    358D 
_atom_sites.fract_transf_matrix[1][1]   -0.03101344 
_atom_sites.fract_transf_matrix[1][2]   -0.01009510 
_atom_sites.fract_transf_matrix[1][3]   -0.01509449 
_atom_sites.fract_transf_matrix[2][1]   -0.00115149 
_atom_sites.fract_transf_matrix[2][2]   -0.00811001 
_atom_sites.fract_transf_matrix[2][3]   -0.03499202 
_atom_sites.fract_transf_matrix[3][1]   0.00143385 
_atom_sites.fract_transf_matrix[3][2]   -0.00663311 
_atom_sites.fract_transf_matrix[3][3]   0.00149016 
_atom_sites.fract_transf_vector[1]      0.502370 
_atom_sites.fract_transf_vector[2]      0.797375 
_atom_sites.fract_transf_vector[3]      -0.000161 
# 
loop_
_atom_type.symbol 
BR 
C  
N  
O  
P  
# 
loop_
_atom_site.group_PDB 
_atom_site.id 
_atom_site.type_symbol 
_atom_site.label_atom_id 
_atom_site.label_alt_id 
_atom_site.label_comp_id 
_atom_site.label_asym_id 
_atom_site.label_entity_id 
_atom_site.label_seq_id 
_atom_site.pdbx_PDB_ins_code 
_atom_site.Cartn_x 
_atom_site.Cartn_y 
_atom_site.Cartn_z 
_atom_site.occupancy 
_atom_site.B_iso_or_equiv 
_atom_site.pdbx_formal_charge 
_atom_site.auth_seq_id 
_atom_site.auth_comp_id 
_atom_site.auth_asym_id 
_atom_site.auth_atom_id 
_atom_site.pdbx_PDB_model_num 
ATOM   1   O  "O5'" . DC  A 1 1  ? -14.343 1.606   9.379   1.00 6.43  ? 1  DC  A "O5'" 1 
ATOM   2   C  "C5'" . DC  A 1 1  ? -15.096 2.814   9.418   1.00 4.28  ? 1  DC  A "C5'" 1 
ATOM   3   C  "C4'" . DC  A 1 1  ? -14.218 3.931   9.931   1.00 8.92  ? 1  DC  A "C4'" 1 
ATOM   4   O  "O4'" . DC  A 1 1  ? -13.149 3.355   10.716  1.00 4.55  ? 1  DC  A "O4'" 1 
ATOM   5   C  "C3'" . DC  A 1 1  ? -13.535 4.780   8.857   1.00 13.85 ? 1  DC  A "C3'" 1 
ATOM   6   O  "O3'" . DC  A 1 1  ? -13.443 6.136   9.327   1.00 22.92 ? 1  DC  A "O3'" 1 
ATOM   7   C  "C2'" . DC  A 1 1  ? -12.151 4.164   8.771   1.00 11.61 ? 1  DC  A "C2'" 1 
ATOM   8   C  "C1'" . DC  A 1 1  ? -11.911 3.827   10.226  1.00 6.39  ? 1  DC  A "C1'" 1 
ATOM   9   N  N1    . DC  A 1 1  ? -10.902 2.805   10.498  1.00 6.95  ? 1  DC  A N1    1 
ATOM   10  C  C2    . DC  A 1 1  ? -9.822  3.127   11.341  1.00 15.46 ? 1  DC  A C2    1 
ATOM   11  O  O2    . DC  A 1 1  ? -9.738  4.280   11.801  1.00 20.44 ? 1  DC  A O2    1 
ATOM   12  N  N3    . DC  A 1 1  ? -8.901  2.178   11.630  1.00 11.82 ? 1  DC  A N3    1 
ATOM   13  C  C4    . DC  A 1 1  ? -9.023  0.955   11.109  1.00 11.82 ? 1  DC  A C4    1 
ATOM   14  N  N4    . DC  A 1 1  ? -8.104  0.046   11.433  1.00 9.24  ? 1  DC  A N4    1 
ATOM   15  C  C5    . DC  A 1 1  ? -10.097 0.607   10.235  1.00 11.14 ? 1  DC  A C5    1 
ATOM   16  C  C6    . DC  A 1 1  ? -11.006 1.555   9.959   1.00 9.43  ? 1  DC  A C6    1 
HETATM 17  BR BR    . CBR A 1 2  ? -9.124  0.877   6.849   1.00 46.81 ? 2  CBR A BR    1 
HETATM 18  P  P     . CBR A 1 2  ? -13.677 7.363   8.308   1.00 26.79 ? 2  CBR A P     1 
HETATM 19  O  OP1   . CBR A 1 2  ? -14.056 8.564   9.123   1.00 16.67 ? 2  CBR A OP1   1 
HETATM 20  O  OP2   . CBR A 1 2  ? -14.598 6.868   7.255   1.00 28.68 ? 2  CBR A OP2   1 
HETATM 21  O  "O5'" . CBR A 1 2  ? -12.243 7.629   7.659   1.00 20.14 ? 2  CBR A "O5'" 1 
HETATM 22  N  N1    . CBR A 1 2  ? -7.542  4.468   8.007   1.00 24.93 ? 2  CBR A N1    1 
HETATM 23  C  C6    . CBR A 1 2  ? -8.341  3.500   7.470   1.00 27.18 ? 2  CBR A C6    1 
HETATM 24  C  C2    . CBR A 1 2  ? -6.353  4.117   8.676   1.00 26.63 ? 2  CBR A C2    1 
HETATM 25  O  O2    . CBR A 1 2  ? -5.636  5.014   9.147   1.00 28.55 ? 2  CBR A O2    1 
HETATM 26  N  N3    . CBR A 1 2  ? -6.021  2.811   8.796   1.00 23.92 ? 2  CBR A N3    1 
HETATM 27  C  C4    . CBR A 1 2  ? -6.812  1.875   8.272   1.00 28.48 ? 2  CBR A C4    1 
HETATM 28  N  N4    . CBR A 1 2  ? -6.445  0.601   8.408   1.00 26.93 ? 2  CBR A N4    1 
HETATM 29  C  C5    . CBR A 1 2  ? -8.019  2.211   7.580   1.00 30.54 ? 2  CBR A C5    1 
HETATM 30  C  "C2'" . CBR A 1 2  ? -8.139  6.429   6.496   1.00 21.99 ? 2  CBR A "C2'" 1 
HETATM 31  C  "C5'" . CBR A 1 2  ? -11.262 6.581   7.590   1.00 15.87 ? 2  CBR A "C5'" 1 
HETATM 32  C  "C4'" . CBR A 1 2  ? -9.897  7.122   7.948   1.00 16.37 ? 2  CBR A "C4'" 1 
HETATM 33  O  "O4'" . CBR A 1 2  ? -9.132  6.078   8.592   1.00 21.33 ? 2  CBR A "O4'" 1 
HETATM 34  C  "C1'" . CBR A 1 2  ? -7.906  5.891   7.899   1.00 24.78 ? 2  CBR A "C1'" 1 
HETATM 35  C  "C3'" . CBR A 1 2  ? -9.028  7.628   6.790   1.00 18.99 ? 2  CBR A "C3'" 1 
HETATM 36  O  "O3'" . CBR A 1 2  ? -8.225  8.729   7.249   1.00 19.28 ? 2  CBR A "O3'" 1 
ATOM   37  P  P     . DC  A 1 3  ? -7.643  9.802   6.198   1.00 20.96 ? 3  DC  A P     1 
ATOM   38  O  OP1   . DC  A 1 3  ? -7.693  11.160  6.830   1.00 16.83 ? 3  DC  A OP1   1 
ATOM   39  O  OP2   . DC  A 1 3  ? -8.334  9.561   4.902   1.00 16.32 ? 3  DC  A OP2   1 
ATOM   40  O  "O5'" . DC  A 1 3  ? -6.113  9.406   6.041   1.00 17.99 ? 3  DC  A "O5'" 1 
ATOM   41  C  "C5'" . DC  A 1 3  ? -5.606  8.221   6.653   1.00 18.96 ? 3  DC  A "C5'" 1 
ATOM   42  C  "C4'" . DC  A 1 3  ? -4.301  8.505   7.358   1.00 17.98 ? 3  DC  A "C4'" 1 
ATOM   43  O  "O4'" . DC  A 1 3  ? -3.947  7.311   8.077   1.00 23.38 ? 3  DC  A "O4'" 1 
ATOM   44  C  "C3'" . DC  A 1 3  ? -3.113  8.796   6.444   1.00 18.50 ? 3  DC  A "C3'" 1 
ATOM   45  O  "O3'" . DC  A 1 3  ? -2.168  9.658   7.098   1.00 15.13 ? 3  DC  A "O3'" 1 
ATOM   46  C  "C2'" . DC  A 1 3  ? -2.528  7.419   6.181   1.00 18.15 ? 3  DC  A "C2'" 1 
ATOM   47  C  "C1'" . DC  A 1 3  ? -2.913  6.605   7.410   1.00 21.43 ? 3  DC  A "C1'" 1 
ATOM   48  N  N1    . DC  A 1 3  ? -3.463  5.301   7.050   1.00 17.79 ? 3  DC  A N1    1 
ATOM   49  C  C2    . DC  A 1 3  ? -2.797  4.155   7.437   1.00 14.00 ? 3  DC  A C2    1 
ATOM   50  O  O2    . DC  A 1 3  ? -1.743  4.263   8.085   1.00 18.06 ? 3  DC  A O2    1 
ATOM   51  N  N3    . DC  A 1 3  ? -3.307  2.955   7.099   1.00 13.81 ? 3  DC  A N3    1 
ATOM   52  C  C4    . DC  A 1 3  ? -4.437  2.887   6.396   1.00 12.78 ? 3  DC  A C4    1 
ATOM   53  N  N4    . DC  A 1 3  ? -4.902  1.685   6.073   1.00 17.98 ? 3  DC  A N4    1 
ATOM   54  C  C5    . DC  A 1 3  ? -5.141  4.049   5.990   1.00 18.51 ? 3  DC  A C5    1 
ATOM   55  C  C6    . DC  A 1 3  ? -4.625  5.223   6.335   1.00 17.92 ? 3  DC  A C6    1 
ATOM   56  P  P     . DC  A 1 4  ? -0.797  10.055  6.357   1.00 10.47 ? 4  DC  A P     1 
ATOM   57  O  OP1   . DC  A 1 4  ? -0.134  11.092  7.189   1.00 15.70 ? 4  DC  A OP1   1 
ATOM   58  O  OP2   . DC  A 1 4  ? -1.070  10.330  4.920   1.00 13.37 ? 4  DC  A OP2   1 
ATOM   59  O  "O5'" . DC  A 1 4  ? 0.074   8.723   6.417   1.00 13.95 ? 4  DC  A "O5'" 1 
ATOM   60  C  "C5'" . DC  A 1 4  ? 0.802   8.370   7.604   1.00 9.02  ? 4  DC  A "C5'" 1 
ATOM   61  C  "C4'" . DC  A 1 4  ? 1.812   7.293   7.294   1.00 11.25 ? 4  DC  A "C4'" 1 
ATOM   62  O  "O4'" . DC  A 1 4  ? 1.118   6.041   7.029   1.00 5.53  ? 4  DC  A "O4'" 1 
ATOM   63  C  "C3'" . DC  A 1 4  ? 2.665   7.588   6.056   1.00 14.13 ? 4  DC  A "C3'" 1 
ATOM   64  O  "O3'" . DC  A 1 4  ? 4.052   7.324   6.297   1.00 17.41 ? 4  DC  A "O3'" 1 
ATOM   65  C  "C2'" . DC  A 1 4  ? 2.103   6.654   4.999   1.00 15.02 ? 4  DC  A "C2'" 1 
ATOM   66  C  "C1'" . DC  A 1 4  ? 1.573   5.484   5.810   1.00 10.01 ? 4  DC  A "C1'" 1 
ATOM   67  N  N1    . DC  A 1 4  ? 0.440   4.810   5.155   1.00 12.26 ? 4  DC  A N1    1 
ATOM   68  C  C2    . DC  A 1 4  ? 0.352   3.412   5.223   1.00 14.03 ? 4  DC  A C2    1 
ATOM   69  O  O2    . DC  A 1 4  ? 1.174   2.783   5.910   1.00 19.27 ? 4  DC  A O2    1 
ATOM   70  N  N3    . DC  A 1 4  ? -0.629  2.779   4.536   1.00 18.57 ? 4  DC  A N3    1 
ATOM   71  C  C4    . DC  A 1 4  ? -1.505  3.484   3.812   1.00 12.16 ? 4  DC  A C4    1 
ATOM   72  N  N4    . DC  A 1 4  ? -2.416  2.800   3.117   1.00 8.09  ? 4  DC  A N4    1 
ATOM   73  C  C5    . DC  A 1 4  ? -1.474  4.908   3.766   1.00 9.43  ? 4  DC  A C5    1 
ATOM   74  C  C6    . DC  A 1 4  ? -0.495  5.526   4.451   1.00 12.42 ? 4  DC  A C6    1 
ATOM   75  P  P     . DC  A 1 5  ? 5.023   6.970   5.063   1.00 24.01 ? 5  DC  A P     1 
ATOM   76  O  OP1   . DC  A 1 5  ? 6.424   7.279   5.456   1.00 25.15 ? 5  DC  A OP1   1 
ATOM   77  O  OP2   . DC  A 1 5  ? 4.459   7.561   3.811   1.00 20.79 ? 5  DC  A OP2   1 
ATOM   78  O  "O5'" . DC  A 1 5  ? 4.887   5.391   4.957   1.00 22.65 ? 5  DC  A "O5'" 1 
ATOM   79  C  "C5'" . DC  A 1 5  ? 5.167   4.578   6.099   1.00 18.52 ? 5  DC  A "C5'" 1 
ATOM   80  C  "C4'" . DC  A 1 5  ? 5.538   3.184   5.664   1.00 15.42 ? 5  DC  A "C4'" 1 
ATOM   81  O  "O4'" . DC  A 1 5  ? 4.349   2.546   5.149   1.00 11.77 ? 5  DC  A "O4'" 1 
ATOM   82  C  "C3'" . DC  A 1 5  ? 6.575   3.124   4.541   1.00 18.37 ? 5  DC  A "C3'" 1 
ATOM   83  O  "O3'" . DC  A 1 5  ? 7.482   2.033   4.780   1.00 23.68 ? 5  DC  A "O3'" 1 
ATOM   84  C  "C2'" . DC  A 1 5  ? 5.726   2.942   3.295   1.00 14.27 ? 5  DC  A "C2'" 1 
ATOM   85  C  "C1'" . DC  A 1 5  ? 4.569   2.118   3.819   1.00 15.45 ? 5  DC  A "C1'" 1 
ATOM   86  N  N1    . DC  A 1 5  ? 3.310   2.280   3.094   1.00 20.19 ? 5  DC  A N1    1 
ATOM   87  C  C2    . DC  A 1 5  ? 2.451   1.183   2.999   1.00 18.11 ? 5  DC  A C2    1 
ATOM   88  O  O2    . DC  A 1 5  ? 2.802   0.110   3.521   1.00 15.06 ? 5  DC  A O2    1 
ATOM   89  N  N3    . DC  A 1 5  ? 1.264   1.320   2.349   1.00 11.55 ? 5  DC  A N3    1 
ATOM   90  C  C4    . DC  A 1 5  ? 0.935   2.502   1.819   1.00 19.54 ? 5  DC  A C4    1 
ATOM   91  N  N4    . DC  A 1 5  ? -0.251  2.613   1.210   1.00 24.36 ? 5  DC  A N4    1 
ATOM   92  C  C5    . DC  A 1 5  ? 1.802   3.633   1.893   1.00 18.62 ? 5  DC  A C5    1 
ATOM   93  C  C6    . DC  A 1 5  ? 2.969   3.477   2.532   1.00 18.71 ? 5  DC  A C6    1 
ATOM   94  P  P     . DI  A 1 6  ? 8.115   1.213   3.540   1.00 29.74 ? 6  DI  A P     1 
ATOM   95  O  OP1   . DI  A 1 6  ? 9.138   0.277   4.084   1.00 26.03 ? 6  DI  A OP1   1 
ATOM   96  O  OP2   . DI  A 1 6  ? 8.493   2.166   2.452   1.00 30.90 ? 6  DI  A OP2   1 
ATOM   97  O  "O5'" . DI  A 1 6  ? 6.898   0.315   3.040   1.00 27.49 ? 6  DI  A "O5'" 1 
ATOM   98  C  "C5'" . DI  A 1 6  ? 6.201   -0.518  3.978   1.00 27.59 ? 6  DI  A "C5'" 1 
ATOM   99  C  "C4'" . DI  A 1 6  ? 6.161   -1.942  3.488   1.00 26.24 ? 6  DI  A "C4'" 1 
ATOM   100 O  "O4'" . DI  A 1 6  ? 5.085   -2.112  2.547   1.00 23.55 ? 6  DI  A "O4'" 1 
ATOM   101 C  "C3'" . DI  A 1 6  ? 7.416   -2.403  2.768   1.00 26.95 ? 6  DI  A "C3'" 1 
ATOM   102 O  "O3'" . DI  A 1 6  ? 7.615   -3.792  3.061   1.00 25.14 ? 6  DI  A "O3'" 1 
ATOM   103 C  "C2'" . DI  A 1 6  ? 7.093   -2.103  1.311   1.00 23.93 ? 6  DI  A "C2'" 1 
ATOM   104 C  "C1'" . DI  A 1 6  ? 5.583   -2.296  1.234   1.00 24.27 ? 6  DI  A "C1'" 1 
ATOM   105 N  N9    . DI  A 1 6  ? 4.865   -1.358  0.380   1.00 28.11 ? 6  DI  A N9    1 
ATOM   106 C  C8    . DI  A 1 6  ? 5.087   -0.097  -0.123  1.00 25.42 ? 6  DI  A C8    1 
ATOM   107 N  N7    . DI  A 1 6  ? 4.033   0.416   -0.701  1.00 26.46 ? 6  DI  A N7    1 
ATOM   108 C  C5    . DI  A 1 6  ? 3.061   -0.571  -0.588  1.00 26.56 ? 6  DI  A C5    1 
ATOM   109 C  C6    . DI  A 1 6  ? 1.702   -0.587  -1.016  1.00 26.14 ? 6  DI  A C6    1 
ATOM   110 O  O6    . DI  A 1 6  ? 1.054   0.308   -1.586  1.00 26.85 ? 6  DI  A O6    1 
ATOM   111 N  N1    . DI  A 1 6  ? 1.087   -1.798  -0.707  1.00 24.31 ? 6  DI  A N1    1 
ATOM   112 C  C2    . DI  A 1 6  ? 1.687   -2.844  -0.070  1.00 27.77 ? 6  DI  A C2    1 
ATOM   113 N  N3    . DI  A 1 6  ? 2.944   -2.841  0.344   1.00 30.48 ? 6  DI  A N3    1 
ATOM   114 C  C4    . DI  A 1 6  ? 3.566   -1.678  0.053   1.00 28.26 ? 6  DI  A C4    1 
ATOM   115 P  P     . DI  A 1 7  ? 8.296   -4.750  1.973   1.00 32.37 ? 7  DI  A P     1 
ATOM   116 O  OP1   . DI  A 1 7  ? 8.222   -6.153  2.468   1.00 30.06 ? 7  DI  A OP1   1 
ATOM   117 O  OP2   . DI  A 1 7  ? 9.618   -4.165  1.603   1.00 27.75 ? 7  DI  A OP2   1 
ATOM   118 O  "O5'" . DI  A 1 7  ? 7.306   -4.626  0.734   1.00 33.71 ? 7  DI  A "O5'" 1 
ATOM   119 C  "C5'" . DI  A 1 7  ? 7.386   -5.522  -0.375  1.00 28.93 ? 7  DI  A "C5'" 1 
ATOM   120 C  "C4'" . DI  A 1 7  ? 5.995   -5.900  -0.820  1.00 27.83 ? 7  DI  A "C4'" 1 
ATOM   121 O  "O4'" . DI  A 1 7  ? 5.207   -4.706  -1.040  1.00 23.90 ? 7  DI  A "O4'" 1 
ATOM   122 C  "C3'" . DI  A 1 7  ? 5.965   -6.676  -2.133  1.00 31.75 ? 7  DI  A "C3'" 1 
ATOM   123 O  "O3'" . DI  A 1 7  ? 4.967   -7.695  -2.080  1.00 32.42 ? 7  DI  A "O3'" 1 
ATOM   124 C  "C2'" . DI  A 1 7  ? 5.612   -5.616  -3.161  1.00 27.32 ? 7  DI  A "C2'" 1 
ATOM   125 C  "C1'" . DI  A 1 7  ? 4.700   -4.711  -2.366  1.00 23.42 ? 7  DI  A "C1'" 1 
ATOM   126 N  N9    . DI  A 1 7  ? 4.644   -3.338  -2.850  1.00 19.85 ? 7  DI  A N9    1 
ATOM   127 C  C8    . DI  A 1 7  ? 5.663   -2.416  -2.939  1.00 18.77 ? 7  DI  A C8    1 
ATOM   128 N  N7    . DI  A 1 7  ? 5.271   -1.272  -3.431  1.00 20.02 ? 7  DI  A N7    1 
ATOM   129 C  C5    . DI  A 1 7  ? 3.914   -1.453  -3.676  1.00 16.05 ? 7  DI  A C5    1 
ATOM   130 C  C6    . DI  A 1 7  ? 2.943   -0.558  -4.208  1.00 16.75 ? 7  DI  A C6    1 
ATOM   131 O  O6    . DI  A 1 7  ? 3.081   0.622   -4.559  1.00 18.23 ? 7  DI  A O6    1 
ATOM   132 N  N1    . DI  A 1 7  ? 1.691   -1.167  -4.302  1.00 16.21 ? 7  DI  A N1    1 
ATOM   133 C  C2    . DI  A 1 7  ? 1.410   -2.448  -3.918  1.00 15.19 ? 7  DI  A C2    1 
ATOM   134 N  N3    . DI  A 1 7  ? 2.298   -3.278  -3.411  1.00 14.57 ? 7  DI  A N3    1 
ATOM   135 C  C4    . DI  A 1 7  ? 3.520   -2.719  -3.324  1.00 13.42 ? 7  DI  A C4    1 
ATOM   136 P  P     . DI  A 1 8  ? 5.224   -9.086  -2.841  1.00 34.49 ? 8  DI  A P     1 
ATOM   137 O  OP1   . DI  A 1 8  ? 3.895   -9.655  -3.215  1.00 32.43 ? 8  DI  A OP1   1 
ATOM   138 O  OP2   . DI  A 1 8  ? 6.149   -9.886  -2.002  1.00 34.12 ? 8  DI  A OP2   1 
ATOM   139 O  "O5'" . DI  A 1 8  ? 6.012   -8.630  -4.153  1.00 30.77 ? 8  DI  A "O5'" 1 
ATOM   140 C  "C5'" . DI  A 1 8  ? 5.522   -8.948  -5.469  1.00 30.56 ? 8  DI  A "C5'" 1 
ATOM   141 C  "C4'" . DI  A 1 8  ? 4.088   -8.487  -5.617  1.00 28.92 ? 8  DI  A "C4'" 1 
ATOM   142 O  "O4'" . DI  A 1 8  ? 3.973   -7.065  -5.356  1.00 22.74 ? 8  DI  A "O4'" 1 
ATOM   143 C  "C3'" . DI  A 1 8  ? 3.455   -8.720  -6.989  1.00 26.53 ? 8  DI  A "C3'" 1 
ATOM   144 O  "O3'" . DI  A 1 8  ? 2.118   -9.196  -6.804  1.00 22.30 ? 8  DI  A "O3'" 1 
ATOM   145 C  "C2'" . DI  A 1 8  ? 3.458   -7.334  -7.618  1.00 25.03 ? 8  DI  A "C2'" 1 
ATOM   146 C  "C1'" . DI  A 1 8  ? 3.234   -6.459  -6.405  1.00 24.30 ? 8  DI  A "C1'" 1 
ATOM   147 N  N9    . DI  A 1 8  ? 3.694   -5.087  -6.534  1.00 28.21 ? 8  DI  A N9    1 
ATOM   148 C  C8    . DI  A 1 8  ? 4.958   -4.607  -6.280  1.00 30.60 ? 8  DI  A C8    1 
ATOM   149 N  N7    . DI  A 1 8  ? 5.050   -3.311  -6.412  1.00 33.58 ? 8  DI  A N7    1 
ATOM   150 C  C5    . DI  A 1 8  ? 3.776   -2.912  -6.790  1.00 33.67 ? 8  DI  A C5    1 
ATOM   151 C  C6    . DI  A 1 8  ? 3.261   -1.613  -7.063  1.00 35.97 ? 8  DI  A C6    1 
ATOM   152 O  O6    . DI  A 1 8  ? 3.849   -0.522  -7.004  1.00 32.47 ? 8  DI  A O6    1 
ATOM   153 N  N1    . DI  A 1 8  ? 1.915   -1.662  -7.428  1.00 39.06 ? 8  DI  A N1    1 
ATOM   154 C  C2    . DI  A 1 8  ? 1.162   -2.811  -7.514  1.00 35.84 ? 8  DI  A C2    1 
ATOM   155 N  N3    . DI  A 1 8  ? 1.626   -4.026  -7.252  1.00 32.30 ? 8  DI  A N3    1 
ATOM   156 C  C4    . DI  A 1 8  ? 2.931   -4.000  -6.895  1.00 32.32 ? 8  DI  A C4    1 
ATOM   157 P  P     . DI  A 1 9  ? 1.555   -10.375 -7.739  1.00 18.39 ? 9  DI  A P     1 
ATOM   158 O  OP1   . DI  A 1 9  ? 0.299   -10.871 -7.134  1.00 22.91 ? 9  DI  A OP1   1 
ATOM   159 O  OP2   . DI  A 1 9  ? 2.683   -11.318 -7.956  1.00 22.50 ? 9  DI  A OP2   1 
ATOM   160 O  "O5'" . DI  A 1 9  ? 1.182   -9.651  -9.107  1.00 13.03 ? 9  DI  A "O5'" 1 
ATOM   161 C  "C5'" . DI  A 1 9  ? 1.608   -8.310  -9.341  1.00 11.89 ? 9  DI  A "C5'" 1 
ATOM   162 C  "C4'" . DI  A 1 9  ? 0.599   -7.553  -10.170 1.00 6.68  ? 9  DI  A "C4'" 1 
ATOM   163 O  "O4'" . DI  A 1 9  ? 0.919   -6.163  -9.962  1.00 10.18 ? 9  DI  A "O4'" 1 
ATOM   164 C  "C3'" . DI  A 1 9  ? 0.718   -7.779  -11.676 1.00 8.91  ? 9  DI  A "C3'" 1 
ATOM   165 O  "O3'" . DI  A 1 9  ? -0.523  -7.519  -12.355 1.00 8.83  ? 9  DI  A "O3'" 1 
ATOM   166 C  "C2'" . DI  A 1 9  ? 1.780   -6.771  -12.076 1.00 6.87  ? 9  DI  A "C2'" 1 
ATOM   167 C  "C1'" . DI  A 1 9  ? 1.580   -5.627  -11.092 1.00 4.63  ? 9  DI  A "C1'" 1 
ATOM   168 N  N9    . DI  A 1 9  ? 2.836   -5.059  -10.629 1.00 2.00  ? 9  DI  A N9    1 
ATOM   169 C  C8    . DI  A 1 9  ? 3.955   -5.746  -10.227 1.00 3.50  ? 9  DI  A C8    1 
ATOM   170 N  N7    . DI  A 1 9  ? 4.946   -4.961  -9.897  1.00 3.57  ? 9  DI  A N7    1 
ATOM   171 C  C5    . DI  A 1 9  ? 4.448   -3.681  -10.091 1.00 3.30  ? 9  DI  A C5    1 
ATOM   172 C  C6    . DI  A 1 9  ? 5.064   -2.414  -9.916  1.00 2.66  ? 9  DI  A C6    1 
ATOM   173 O  O6    . DI  A 1 9  ? 6.221   -2.165  -9.562  1.00 4.20  ? 9  DI  A O6    1 
ATOM   174 N  N1    . DI  A 1 9  ? 4.188   -1.373  -10.210 1.00 4.92  ? 9  DI  A N1    1 
ATOM   175 C  C2    . DI  A 1 9  ? 2.891   -1.522  -10.630 1.00 7.20  ? 9  DI  A C2    1 
ATOM   176 N  N3    . DI  A 1 9  ? 2.307   -2.696  -10.811 1.00 7.76  ? 9  DI  A N3    1 
ATOM   177 C  C4    . DI  A 1 9  ? 3.138   -3.726  -10.525 1.00 3.20  ? 9  DI  A C4    1 
ATOM   178 P  P     . DI  A 1 10 ? -0.722  -8.002  -13.886 1.00 10.39 ? 10 DI  A P     1 
ATOM   179 O  OP1   . DI  A 1 10 ? -2.091  -8.555  -14.012 1.00 14.28 ? 10 DI  A OP1   1 
ATOM   180 O  OP2   . DI  A 1 10 ? 0.444   -8.836  -14.260 1.00 10.53 ? 10 DI  A OP2   1 
ATOM   181 O  "O5'" . DI  A 1 10 ? -0.645  -6.665  -14.739 1.00 5.28  ? 10 DI  A "O5'" 1 
ATOM   182 C  "C5'" . DI  A 1 10 ? 0.263   -5.629  -14.356 1.00 8.42  ? 10 DI  A "C5'" 1 
ATOM   183 C  "C4'" . DI  A 1 10 ? -0.040  -4.356  -15.108 1.00 8.07  ? 10 DI  A "C4'" 1 
ATOM   184 O  "O4'" . DI  A 1 10 ? 0.884   -3.355  -14.627 1.00 4.93  ? 10 DI  A "O4'" 1 
ATOM   185 C  "C3'" . DI  A 1 10 ? 0.230   -4.459  -16.603 1.00 6.60  ? 10 DI  A "C3'" 1 
ATOM   186 O  "O3'" . DI  A 1 10 ? -0.460  -3.387  -17.275 1.00 2.08  ? 10 DI  A "O3'" 1 
ATOM   187 C  "C2'" . DI  A 1 10 ? 1.729   -4.227  -16.660 1.00 4.43  ? 10 DI  A "C2'" 1 
ATOM   188 C  "C1'" . DI  A 1 10 ? 1.986   -3.252  -15.511 1.00 4.50  ? 10 DI  A "C1'" 1 
ATOM   189 N  N9    . DI  A 1 10 ? 3.178   -3.582  -14.744 1.00 10.44 ? 10 DI  A N9    1 
ATOM   190 C  C8    . DI  A 1 10 ? 3.587   -4.832  -14.345 1.00 14.31 ? 10 DI  A C8    1 
ATOM   191 N  N7    . DI  A 1 10 ? 4.704   -4.814  -13.666 1.00 11.94 ? 10 DI  A N7    1 
ATOM   192 C  C5    . DI  A 1 10 ? 5.048   -3.471  -13.615 1.00 11.87 ? 10 DI  A C5    1 
ATOM   193 C  C6    . DI  A 1 10 ? 6.154   -2.831  -13.024 1.00 12.06 ? 10 DI  A C6    1 
ATOM   194 O  O6    . DI  A 1 10 ? 7.081   -3.334  -12.381 1.00 13.76 ? 10 DI  A O6    1 
ATOM   195 N  N1    . DI  A 1 10 ? 6.122   -1.460  -13.231 1.00 14.21 ? 10 DI  A N1    1 
ATOM   196 C  C2    . DI  A 1 10 ? 5.143   -0.785  -13.903 1.00 13.63 ? 10 DI  A C2    1 
ATOM   197 N  N3    . DI  A 1 10 ? 4.094   -1.364  -14.451 1.00 15.98 ? 10 DI  A N3    1 
ATOM   198 C  C4    . DI  A 1 10 ? 4.113   -2.699  -14.276 1.00 12.00 ? 10 DI  A C4    1 
ATOM   199 O  "O5'" . DC  B 1 1  ? 10.969  5.148   -11.884 1.00 10.37 ? 11 DC  B "O5'" 1 
ATOM   200 C  "C5'" . DC  B 1 1  ? 10.879  6.091   -12.956 1.00 8.18  ? 11 DC  B "C5'" 1 
ATOM   201 C  "C4'" . DC  B 1 1  ? 9.454   6.187   -13.450 1.00 11.67 ? 11 DC  B "C4'" 1 
ATOM   202 O  "O4'" . DC  B 1 1  ? 8.970   4.861   -13.753 1.00 8.99  ? 11 DC  B "O4'" 1 
ATOM   203 C  "C3'" . DC  B 1 1  ? 8.473   6.769   -12.436 1.00 8.68  ? 11 DC  B "C3'" 1 
ATOM   204 O  "O3'" . DC  B 1 1  ? 7.452   7.516   -13.092 1.00 5.15  ? 11 DC  B "O3'" 1 
ATOM   205 C  "C2'" . DC  B 1 1  ? 7.872   5.544   -11.785 1.00 6.91  ? 11 DC  B "C2'" 1 
ATOM   206 C  "C1'" . DC  B 1 1  ? 7.857   4.545   -12.931 1.00 8.44  ? 11 DC  B "C1'" 1 
ATOM   207 N  N1    . DC  B 1 1  ? 8.042   3.171   -12.478 1.00 5.06  ? 11 DC  B N1    1 
ATOM   208 C  C2    . DC  B 1 1  ? 7.140   2.193   -12.870 1.00 4.90  ? 11 DC  B C2    1 
ATOM   209 O  O2    . DC  B 1 1  ? 6.165   2.525   -13.575 1.00 7.73  ? 11 DC  B O2    1 
ATOM   210 N  N3    . DC  B 1 1  ? 7.343   0.920   -12.475 1.00 2.65  ? 11 DC  B N3    1 
ATOM   211 C  C4    . DC  B 1 1  ? 8.397   0.622   -11.711 1.00 4.83  ? 11 DC  B C4    1 
ATOM   212 N  N4    . DC  B 1 1  ? 8.597   -0.657  -11.364 1.00 11.10 ? 11 DC  B N4    1 
ATOM   213 C  C5    . DC  B 1 1  ? 9.310   1.609   -11.279 1.00 5.06  ? 11 DC  B C5    1 
ATOM   214 C  C6    . DC  B 1 1  ? 9.101   2.854   -11.685 1.00 2.00  ? 11 DC  B C6    1 
HETATM 215 BR BR    . CBR B 1 2  ? 7.129   3.539   -8.787  1.00 38.14 ? 12 CBR B BR    1 
HETATM 216 P  P     . CBR B 1 2  ? 6.175   8.018   -12.252 1.00 12.08 ? 12 CBR B P     1 
HETATM 217 O  OP1   . CBR B 1 2  ? 5.686   9.250   -12.915 1.00 11.02 ? 12 CBR B OP1   1 
HETATM 218 O  OP2   . CBR B 1 2  ? 6.453   8.018   -10.781 1.00 4.10  ? 12 CBR B OP2   1 
HETATM 219 O  "O5'" . CBR B 1 2  ? 5.094   6.888   -12.515 1.00 13.87 ? 12 CBR B "O5'" 1 
HETATM 220 N  N1    . CBR B 1 2  ? 3.959   3.261   -11.380 1.00 20.75 ? 12 CBR B N1    1 
HETATM 221 C  C6    . CBR B 1 2  ? 4.955   3.740   -10.575 1.00 25.47 ? 12 CBR B C6    1 
HETATM 222 C  C2    . CBR B 1 2  ? 3.786   1.878   -11.548 1.00 27.11 ? 12 CBR B C2    1 
HETATM 223 O  O2    . CBR B 1 2  ? 2.898   1.469   -12.311 1.00 29.27 ? 12 CBR B O2    1 
HETATM 224 N  N3    . CBR B 1 2  ? 4.601   1.025   -10.880 1.00 30.25 ? 12 CBR B N3    1 
HETATM 225 C  C4    . CBR B 1 2  ? 5.562   1.506   -10.086 1.00 33.21 ? 12 CBR B C4    1 
HETATM 226 N  N4    . CBR B 1 2  ? 6.340   0.632   -9.440  1.00 34.20 ? 12 CBR B N4    1 
HETATM 227 C  C5    . CBR B 1 2  ? 5.766   2.901   -9.915  1.00 30.93 ? 12 CBR B C5    1 
HETATM 228 C  "C2'" . CBR B 1 2  ? 2.686   5.429   -11.299 1.00 9.07  ? 12 CBR B "C2'" 1 
HETATM 229 C  "C5'" . CBR B 1 2  ? 4.392   6.830   -13.745 1.00 6.77  ? 12 CBR B "C5'" 1 
HETATM 230 C  "C4'" . CBR B 1 2  ? 3.187   5.947   -13.578 1.00 7.32  ? 12 CBR B "C4'" 1 
HETATM 231 O  "O4'" . CBR B 1 2  ? 3.648   4.613   -13.258 1.00 11.67 ? 12 CBR B "O4'" 1 
HETATM 232 C  "C1'" . CBR B 1 2  ? 3.031   4.173   -12.067 1.00 13.29 ? 12 CBR B "C1'" 1 
HETATM 233 C  "C3'" . CBR B 1 2  ? 2.295   6.375   -12.418 1.00 9.12  ? 12 CBR B "C3'" 1 
HETATM 234 O  "O3'" . CBR B 1 2  ? 0.931   6.167   -12.766 1.00 16.43 ? 12 CBR B "O3'" 1 
ATOM   235 P  P     . DC  B 1 3  ? -0.230  6.927   -11.951 1.00 18.08 ? 13 DC  B P     1 
ATOM   236 O  OP1   . DC  B 1 3  ? -0.952  7.835   -12.882 1.00 20.95 ? 13 DC  B OP1   1 
ATOM   237 O  OP2   . DC  B 1 3  ? 0.353   7.475   -10.690 1.00 22.52 ? 13 DC  B OP2   1 
ATOM   238 O  "O5'" . DC  B 1 3  ? -1.215  5.737   -11.589 1.00 11.83 ? 13 DC  B "O5'" 1 
ATOM   239 C  "C5'" . DC  B 1 3  ? -1.537  4.768   -12.576 1.00 10.93 ? 13 DC  B "C5'" 1 
ATOM   240 C  "C4'" . DC  B 1 3  ? -1.802  3.434   -11.925 1.00 12.58 ? 13 DC  B "C4'" 1 
ATOM   241 O  "O4'" . DC  B 1 3  ? -0.591  2.919   -11.321 1.00 13.31 ? 13 DC  B "O4'" 1 
ATOM   242 C  "C3'" . DC  B 1 3  ? -2.848  3.478   -10.813 1.00 8.76  ? 13 DC  B "C3'" 1 
ATOM   243 O  "O3'" . DC  B 1 3  ? -3.654  2.309   -10.903 1.00 10.78 ? 13 DC  B "O3'" 1 
ATOM   244 C  "C2'" . DC  B 1 3  ? -2.010  3.404   -9.551  1.00 10.00 ? 13 DC  B "C2'" 1 
ATOM   245 C  "C1'" . DC  B 1 3  ? -0.895  2.488   -10.009 1.00 12.45 ? 13 DC  B "C1'" 1 
ATOM   246 N  N1    . DC  B 1 3  ? 0.333   2.545   -9.210  1.00 11.21 ? 13 DC  B N1    1 
ATOM   247 C  C2    . DC  B 1 3  ? 0.916   1.347   -8.785  1.00 17.36 ? 13 DC  B C2    1 
ATOM   248 O  O2    . DC  B 1 3  ? 0.397   0.271   -9.111  1.00 22.53 ? 13 DC  B O2    1 
ATOM   249 N  N3    . DC  B 1 3  ? 2.029   1.387   -8.032  1.00 20.84 ? 13 DC  B N3    1 
ATOM   250 C  C4    . DC  B 1 3  ? 2.563   2.561   -7.694  1.00 22.30 ? 13 DC  B C4    1 
ATOM   251 N  N4    . DC  B 1 3  ? 3.653   2.547   -6.926  1.00 27.28 ? 13 DC  B N4    1 
ATOM   252 C  C5    . DC  B 1 3  ? 2.000   3.795   -8.123  1.00 22.94 ? 13 DC  B C5    1 
ATOM   253 C  C6    . DC  B 1 3  ? 0.895   3.741   -8.875  1.00 16.98 ? 13 DC  B C6    1 
ATOM   254 P  P     . DC  B 1 4  ? -5.203  2.378   -10.521 1.00 9.74  ? 14 DC  B P     1 
ATOM   255 O  OP1   . DC  B 1 4  ? -5.993  2.245   -11.766 1.00 14.50 ? 14 DC  B OP1   1 
ATOM   256 O  OP2   . DC  B 1 4  ? -5.388  3.577   -9.652  1.00 14.37 ? 14 DC  B OP2   1 
ATOM   257 O  "O5'" . DC  B 1 4  ? -5.431  1.038   -9.688  1.00 17.47 ? 14 DC  B "O5'" 1 
ATOM   258 C  "C5'" . DC  B 1 4  ? -5.135  -0.239  -10.297 1.00 13.29 ? 14 DC  B "C5'" 1 
ATOM   259 C  "C4'" . DC  B 1 4  ? -4.449  -1.164  -9.320  1.00 10.94 ? 14 DC  B "C4'" 1 
ATOM   260 O  "O4'" . DC  B 1 4  ? -3.162  -0.640  -8.898  1.00 10.63 ? 14 DC  B "O4'" 1 
ATOM   261 C  "C3'" . DC  B 1 4  ? -5.213  -1.494  -8.032  1.00 13.49 ? 14 DC  B "C3'" 1 
ATOM   262 O  "O3'" . DC  B 1 4  ? -5.093  -2.898  -7.780  1.00 18.33 ? 14 DC  B "O3'" 1 
ATOM   263 C  "C2'" . DC  B 1 4  ? -4.440  -0.745  -6.960  1.00 14.47 ? 14 DC  B "C2'" 1 
ATOM   264 C  "C1'" . DC  B 1 4  ? -3.035  -0.879  -7.506  1.00 14.80 ? 14 DC  B "C1'" 1 
ATOM   265 N  N1    . DC  B 1 4  ? -2.007  0.026   -6.959  1.00 15.29 ? 14 DC  B N1    1 
ATOM   266 C  C2    . DC  B 1 4  ? -0.975  -0.528  -6.184  1.00 14.38 ? 14 DC  B C2    1 
ATOM   267 O  O2    . DC  B 1 4  ? -0.962  -1.748  -5.981  1.00 16.22 ? 14 DC  B O2    1 
ATOM   268 N  N3    . DC  B 1 4  ? -0.018  0.277   -5.676  1.00 13.18 ? 14 DC  B N3    1 
ATOM   269 C  C4    . DC  B 1 4  ? -0.058  1.588   -5.906  1.00 19.84 ? 14 DC  B C4    1 
ATOM   270 N  N4    . DC  B 1 4  ? 0.913   2.339   -5.372  1.00 16.97 ? 14 DC  B N4    1 
ATOM   271 C  C5    . DC  B 1 4  ? -1.093  2.186   -6.693  1.00 19.40 ? 14 DC  B C5    1 
ATOM   272 C  C6    . DC  B 1 4  ? -2.040  1.373   -7.196  1.00 17.73 ? 14 DC  B C6    1 
ATOM   273 P  P     . DC  B 1 5  ? -6.375  -3.742  -7.299  1.00 16.66 ? 15 DC  B P     1 
ATOM   274 O  OP1   . DC  B 1 5  ? -6.753  -4.743  -8.323  1.00 16.75 ? 15 DC  B OP1   1 
ATOM   275 O  OP2   . DC  B 1 5  ? -7.396  -2.781  -6.812  1.00 18.43 ? 15 DC  B OP2   1 
ATOM   276 O  "O5'" . DC  B 1 5  ? -5.799  -4.543  -6.063  1.00 16.70 ? 15 DC  B "O5'" 1 
ATOM   277 C  "C5'" . DC  B 1 5  ? -4.595  -5.292  -6.203  1.00 13.45 ? 15 DC  B "C5'" 1 
ATOM   278 C  "C4'" . DC  B 1 5  ? -3.821  -5.264  -4.913  1.00 9.20  ? 15 DC  B "C4'" 1 
ATOM   279 O  "O4'" . DC  B 1 5  ? -3.079  -4.032  -4.730  1.00 12.37 ? 15 DC  B "O4'" 1 
ATOM   280 C  "C3'" . DC  B 1 5  ? -4.698  -5.405  -3.673  1.00 11.00 ? 15 DC  B "C3'" 1 
ATOM   281 O  "O3'" . DC  B 1 5  ? -4.015  -6.240  -2.764  1.00 18.60 ? 15 DC  B "O3'" 1 
ATOM   282 C  "C2'" . DC  B 1 5  ? -4.704  -4.008  -3.087  1.00 5.22  ? 15 DC  B "C2'" 1 
ATOM   283 C  "C1'" . DC  B 1 5  ? -3.276  -3.636  -3.384  1.00 6.39  ? 15 DC  B "C1'" 1 
ATOM   284 N  N1    . DC  B 1 5  ? -2.901  -2.226  -3.236  1.00 7.85  ? 15 DC  B N1    1 
ATOM   285 C  C2    . DC  B 1 5  ? -1.668  -1.945  -2.665  1.00 4.90  ? 15 DC  B C2    1 
ATOM   286 O  O2    . DC  B 1 5  ? -0.933  -2.892  -2.336  1.00 2.30  ? 15 DC  B O2    1 
ATOM   287 N  N3    . DC  B 1 5  ? -1.300  -0.659  -2.477  1.00 10.86 ? 15 DC  B N3    1 
ATOM   288 C  C4    . DC  B 1 5  ? -2.117  0.332   -2.852  1.00 14.64 ? 15 DC  B C4    1 
ATOM   289 N  N4    . DC  B 1 5  ? -1.705  1.596   -2.633  1.00 11.44 ? 15 DC  B N4    1 
ATOM   290 C  C5    . DC  B 1 5  ? -3.386  0.075   -3.458  1.00 7.71  ? 15 DC  B C5    1 
ATOM   291 C  C6    . DC  B 1 5  ? -3.732  -1.208  -3.631  1.00 7.67  ? 15 DC  B C6    1 
ATOM   292 P  P     . DI  B 1 6  ? -4.846  -7.185  -1.797  1.00 22.80 ? 16 DI  B P     1 
ATOM   293 O  OP1   . DI  B 1 6  ? -5.039  -8.484  -2.512  1.00 19.85 ? 16 DI  B OP1   1 
ATOM   294 O  OP2   . DI  B 1 6  ? -6.033  -6.410  -1.336  1.00 17.56 ? 16 DI  B OP2   1 
ATOM   295 O  "O5'" . DI  B 1 6  ? -3.843  -7.381  -0.575  1.00 23.91 ? 16 DI  B "O5'" 1 
ATOM   296 C  "C5'" . DI  B 1 6  ? -2.574  -8.036  -0.761  1.00 20.17 ? 16 DI  B "C5'" 1 
ATOM   297 C  "C4'" . DI  B 1 6  ? -1.620  -7.636  0.335   1.00 17.56 ? 16 DI  B "C4'" 1 
ATOM   298 O  "O4'" . DI  B 1 6  ? -1.327  -6.228  0.212   1.00 22.64 ? 16 DI  B "O4'" 1 
ATOM   299 C  "C3'" . DI  B 1 6  ? -2.174  -7.820  1.748   1.00 18.93 ? 16 DI  B "C3'" 1 
ATOM   300 O  "O3'" . DI  B 1 6  ? -1.113  -8.158  2.629   1.00 23.13 ? 16 DI  B "O3'" 1 
ATOM   301 C  "C2'" . DI  B 1 6  ? -2.671  -6.436  2.105   1.00 17.31 ? 16 DI  B "C2'" 1 
ATOM   302 C  "C1'" . DI  B 1 6  ? -1.626  -5.579  1.432   1.00 18.99 ? 16 DI  B "C1'" 1 
ATOM   303 N  N9    . DI  B 1 6  ? -2.059  -4.225  1.129   1.00 19.00 ? 16 DI  B N9    1 
ATOM   304 C  C8    . DI  B 1 6  ? -3.227  -3.820  0.536   1.00 18.28 ? 16 DI  B C8    1 
ATOM   305 N  N7    . DI  B 1 6  ? -3.326  -2.521  0.442   1.00 19.27 ? 16 DI  B N7    1 
ATOM   306 C  C5    . DI  B 1 6  ? -2.150  -2.052  0.997   1.00 24.10 ? 16 DI  B C5    1 
ATOM   307 C  C6    . DI  B 1 6  ? -1.685  -0.726  1.184   1.00 27.24 ? 16 DI  B C6    1 
ATOM   308 O  O6    . DI  B 1 6  ? -2.252  0.337   0.894   1.00 32.75 ? 16 DI  B O6    1 
ATOM   309 N  N1    . DI  B 1 6  ? -0.421  -0.706  1.781   1.00 28.10 ? 16 DI  B N1    1 
ATOM   310 C  C2    . DI  B 1 6  ? 0.286   -1.816  2.159   1.00 31.31 ? 16 DI  B C2    1 
ATOM   311 N  N3    . DI  B 1 6  ? -0.138  -3.058  1.993   1.00 27.94 ? 16 DI  B N3    1 
ATOM   312 C  C4    . DI  B 1 6  ? -1.355  -3.097  1.412   1.00 21.93 ? 16 DI  B C4    1 
ATOM   313 P  P     . DI  B 1 7  ? -1.385  -9.129  3.873   1.00 20.65 ? 17 DI  B P     1 
ATOM   314 O  OP1   . DI  B 1 7  ? -1.069  -10.516 3.450   1.00 22.40 ? 17 DI  B OP1   1 
ATOM   315 O  OP2   . DI  B 1 7  ? -2.708  -8.814  4.467   1.00 22.02 ? 17 DI  B OP2   1 
ATOM   316 O  "O5'" . DI  B 1 7  ? -0.275  -8.663  4.895   1.00 18.31 ? 17 DI  B "O5'" 1 
ATOM   317 C  "C5'" . DI  B 1 7  ? 0.932   -8.100  4.394   1.00 18.18 ? 17 DI  B "C5'" 1 
ATOM   318 C  "C4'" . DI  B 1 7  ? 1.206   -6.795  5.088   1.00 14.66 ? 17 DI  B "C4'" 1 
ATOM   319 O  "O4'" . DI  B 1 7  ? 0.497   -5.687  4.473   1.00 15.23 ? 17 DI  B "O4'" 1 
ATOM   320 C  "C3'" . DI  B 1 7  ? 0.771   -6.828  6.553   1.00 15.21 ? 17 DI  B "C3'" 1 
ATOM   321 O  "O3'" . DI  B 1 7  ? 1.829   -6.368  7.391   1.00 6.27  ? 17 DI  B "O3'" 1 
ATOM   322 C  "C2'" . DI  B 1 7  ? -0.412  -5.875  6.596   1.00 17.69 ? 17 DI  B "C2'" 1 
ATOM   323 C  "C1'" . DI  B 1 7  ? 0.006   -4.888  5.534   1.00 14.46 ? 17 DI  B "C1'" 1 
ATOM   324 N  N9    . DI  B 1 7  ? -1.040  -4.008  5.029   1.00 5.74  ? 17 DI  B N9    1 
ATOM   325 C  C8    . DI  B 1 7  ? -2.288  -4.292  4.535   1.00 10.31 ? 17 DI  B C8    1 
ATOM   326 N  N7    . DI  B 1 7  ? -2.961  -3.221  4.195   1.00 12.87 ? 17 DI  B N7    1 
ATOM   327 C  C5    . DI  B 1 7  ? -2.098  -2.172  4.478   1.00 13.98 ? 17 DI  B C5    1 
ATOM   328 C  C6    . DI  B 1 7  ? -2.261  -0.764  4.317   1.00 14.95 ? 17 DI  B C6    1 
ATOM   329 O  O6    . DI  B 1 7  ? -3.236  -0.143  3.872   1.00 19.67 ? 17 DI  B O6    1 
ATOM   330 N  N1    . DI  B 1 7  ? -1.129  -0.068  4.732   1.00 14.32 ? 17 DI  B N1    1 
ATOM   331 C  C2    . DI  B 1 7  ? 0.009   -0.644  5.229   1.00 10.60 ? 17 DI  B C2    1 
ATOM   332 N  N3    . DI  B 1 7  ? 0.176   -1.946  5.385   1.00 11.39 ? 17 DI  B N3    1 
ATOM   333 C  C4    . DI  B 1 7  ? -0.909  -2.646  4.992   1.00 10.66 ? 17 DI  B C4    1 
ATOM   334 P  P     . DI  B 1 8  ? 2.060   -7.068  8.818   1.00 9.01  ? 18 DI  B P     1 
ATOM   335 O  OP1   . DI  B 1 8  ? 3.253   -7.951  8.745   1.00 2.17  ? 18 DI  B OP1   1 
ATOM   336 O  OP2   . DI  B 1 8  ? 0.755   -7.638  9.249   1.00 8.07  ? 18 DI  B OP2   1 
ATOM   337 O  "O5'" . DI  B 1 8  ? 2.423   -5.832  9.747   1.00 5.70  ? 18 DI  B "O5'" 1 
ATOM   338 C  "C5'" . DI  B 1 8  ? 3.415   -4.880  9.340   1.00 6.29  ? 18 DI  B "C5'" 1 
ATOM   339 C  "C4'" . DI  B 1 8  ? 3.042   -3.507  9.841   1.00 7.56  ? 18 DI  B "C4'" 1 
ATOM   340 O  "O4'" . DI  B 1 8  ? 1.966   -2.946  9.051   1.00 7.36  ? 18 DI  B "O4'" 1 
ATOM   341 C  "C3'" . DI  B 1 8  ? 2.536   -3.512  11.284  1.00 10.40 ? 18 DI  B "C3'" 1 
ATOM   342 O  "O3'" . DI  B 1 8  ? 2.777   -2.230  11.861  1.00 28.30 ? 18 DI  B "O3'" 1 
ATOM   343 C  "C2'" . DI  B 1 8  ? 1.037   -3.570  11.082  1.00 11.25 ? 18 DI  B "C2'" 1 
ATOM   344 C  "C1'" . DI  B 1 8  ? 0.963   -2.558  9.963   1.00 9.12  ? 18 DI  B "C1'" 1 
ATOM   345 N  N9    . DI  B 1 8  ? -0.299  -2.419  9.253   1.00 9.45  ? 18 DI  B N9    1 
ATOM   346 C  C8    . DI  B 1 8  ? -1.167  -3.407  8.864   1.00 11.82 ? 18 DI  B C8    1 
ATOM   347 N  N7    . DI  B 1 8  ? -2.254  -2.941  8.307   1.00 11.65 ? 18 DI  B N7    1 
ATOM   348 C  C5    . DI  B 1 8  ? -2.077  -1.569  8.318   1.00 6.36  ? 18 DI  B C5    1 
ATOM   349 C  C6    . DI  B 1 8  ? -2.916  -0.542  7.853   1.00 10.27 ? 18 DI  B C6    1 
ATOM   350 O  O6    . DI  B 1 8  ? -4.027  -0.639  7.326   1.00 11.12 ? 18 DI  B O6    1 
ATOM   351 N  N1    . DI  B 1 8  ? -2.347  0.711   8.048   1.00 15.73 ? 18 DI  B N1    1 
ATOM   352 C  C2    . DI  B 1 8  ? -1.121  0.943   8.623   1.00 16.80 ? 18 DI  B C2    1 
ATOM   353 N  N3    . DI  B 1 8  ? -0.327  -0.012  9.062   1.00 10.75 ? 18 DI  B N3    1 
ATOM   354 C  C4    . DI  B 1 8  ? -0.868  -1.235  8.880   1.00 6.38  ? 18 DI  B C4    1 
ATOM   355 P  P     . DI  B 1 9  ? 4.225   -1.842  12.422  1.00 31.14 ? 19 DI  B P     1 
ATOM   356 O  OP1   . DI  B 1 9  ? 5.189   -1.856  11.267  1.00 28.76 ? 19 DI  B OP1   1 
ATOM   357 O  OP2   . DI  B 1 9  ? 4.504   -2.659  13.638  1.00 30.71 ? 19 DI  B OP2   1 
ATOM   358 O  "O5'" . DI  B 1 9  ? 4.006   -0.336  12.869  1.00 22.99 ? 19 DI  B "O5'" 1 
ATOM   359 C  "C5'" . DI  B 1 9  ? 4.001   0.703   11.889  1.00 26.62 ? 19 DI  B "C5'" 1 
ATOM   360 C  "C4'" . DI  B 1 9  ? 2.900   1.696   12.169  1.00 23.32 ? 19 DI  B "C4'" 1 
ATOM   361 O  "O4'" . DI  B 1 9  ? 1.672   1.379   11.463  1.00 22.66 ? 19 DI  B "O4'" 1 
ATOM   362 C  "C3'" . DI  B 1 9  ? 2.525   1.890   13.643  1.00 23.35 ? 19 DI  B "C3'" 1 
ATOM   363 O  "O3'" . DI  B 1 9  ? 2.442   3.285   13.912  1.00 24.17 ? 19 DI  B "O3'" 1 
ATOM   364 C  "C2'" . DI  B 1 9  ? 1.132   1.293   13.724  1.00 19.84 ? 19 DI  B "C2'" 1 
ATOM   365 C  "C1'" . DI  B 1 9  ? 0.599   1.642   12.345  1.00 19.52 ? 19 DI  B "C1'" 1 
ATOM   366 N  N9    . DI  B 1 9  ? -0.569  0.886   11.897  1.00 17.97 ? 19 DI  B N9    1 
ATOM   367 C  C8    . DI  B 1 9  ? -0.794  -0.467  12.023  1.00 20.12 ? 19 DI  B C8    1 
ATOM   368 N  N7    . DI  B 1 9  ? -1.966  -0.835  11.574  1.00 20.29 ? 19 DI  B N7    1 
ATOM   369 C  C5    . DI  B 1 9  ? -2.543  0.344   11.115  1.00 20.36 ? 19 DI  B C5    1 
ATOM   370 C  C6    . DI  B 1 9  ? -3.818  0.577   10.529  1.00 15.21 ? 19 DI  B C6    1 
ATOM   371 O  O6    . DI  B 1 9  ? -4.714  -0.229  10.295  1.00 17.00 ? 19 DI  B O6    1 
ATOM   372 N  N1    . DI  B 1 9  ? -3.997  1.920   10.212  1.00 15.15 ? 19 DI  B N1    1 
ATOM   373 C  C2    . DI  B 1 9  ? -3.073  2.911   10.430  1.00 15.81 ? 19 DI  B C2    1 
ATOM   374 N  N3    . DI  B 1 9  ? -1.883  2.710   10.974  1.00 16.79 ? 19 DI  B N3    1 
ATOM   375 C  C4    . DI  B 1 9  ? -1.688  1.412   11.293  1.00 17.20 ? 19 DI  B C4    1 
ATOM   376 P  P     . DI  B 1 10 ? 2.534   3.817   15.421  1.00 21.71 ? 20 DI  B P     1 
ATOM   377 O  OP1   . DI  B 1 10 ? 3.943   3.789   15.880  1.00 17.97 ? 20 DI  B OP1   1 
ATOM   378 O  OP2   . DI  B 1 10 ? 1.504   3.073   16.192  1.00 23.25 ? 20 DI  B OP2   1 
ATOM   379 O  "O5'" . DI  B 1 10 ? 2.091   5.337   15.266  1.00 14.82 ? 20 DI  B "O5'" 1 
ATOM   380 C  "C5'" . DI  B 1 10 ? 0.995   5.864   16.021  1.00 14.86 ? 20 DI  B "C5'" 1 
ATOM   381 C  "C4'" . DI  B 1 10 ? 0.016   6.570   15.112  1.00 15.45 ? 20 DI  B "C4'" 1 
ATOM   382 O  "O4'" . DI  B 1 10 ? -0.716  5.591   14.319  1.00 8.88  ? 20 DI  B "O4'" 1 
ATOM   383 C  "C3'" . DI  B 1 10 ? -1.044  7.378   15.870  1.00 10.96 ? 20 DI  B "C3'" 1 
ATOM   384 O  "O3'" . DI  B 1 10 ? -1.429  8.630   15.280  1.00 4.26  ? 20 DI  B "O3'" 1 
ATOM   385 C  "C2'" . DI  B 1 10 ? -2.264  6.478   15.831  1.00 3.04  ? 20 DI  B "C2'" 1 
ATOM   386 C  "C1'" . DI  B 1 10 ? -2.108  5.812   14.478  1.00 9.81  ? 20 DI  B "C1'" 1 
ATOM   387 N  N9    . DI  B 1 10 ? -2.796  4.531   14.377  1.00 18.24 ? 20 DI  B N9    1 
ATOM   388 C  C8    . DI  B 1 10 ? -2.400  3.327   14.915  1.00 20.86 ? 20 DI  B C8    1 
ATOM   389 N  N7    . DI  B 1 10 ? -3.229  2.348   14.656  1.00 20.34 ? 20 DI  B N7    1 
ATOM   390 C  C5    . DI  B 1 10 ? -4.234  2.938   13.898  1.00 22.34 ? 20 DI  B C5    1 
ATOM   391 C  C6    . DI  B 1 10 ? -5.400  2.373   13.311  1.00 19.97 ? 20 DI  B C6    1 
ATOM   392 O  O6    . DI  B 1 10 ? -5.787  1.196   13.340  1.00 20.70 ? 20 DI  B O6    1 
ATOM   393 N  N1    . DI  B 1 10 ? -6.146  3.327   12.632  1.00 17.32 ? 20 DI  B N1    1 
ATOM   394 C  C2    . DI  B 1 10 ? -5.813  4.654   12.521  1.00 21.78 ? 20 DI  B C2    1 
ATOM   395 N  N3    . DI  B 1 10 ? -4.729  5.198   13.052  1.00 18.05 ? 20 DI  B N3    1 
ATOM   396 C  C4    . DI  B 1 10 ? -3.989  4.287   13.722  1.00 21.45 ? 20 DI  B C4    1 
HETATM 397 C  C1    . NT  C 2 .  ? 5.294   -1.636  7.097   1.00 27.54 ? 21 NT  A C1    1 
HETATM 398 N  N1    . NT  C 2 .  ? 6.377   -1.762  7.879   1.00 30.25 ? 21 NT  A N1    1 
HETATM 399 N  N2    . NT  C 2 .  ? 5.242   -2.197  5.884   1.00 22.07 ? 21 NT  A N2    1 
HETATM 400 N  N3    . NT  C 2 .  ? 4.241   -0.946  7.550   1.00 25.12 ? 21 NT  A N3    1 
HETATM 401 C  C2    . NT  C 2 .  ? 3.879   0.362   7.050   1.00 20.01 ? 21 NT  A C2    1 
HETATM 402 C  C3    . NT  C 2 .  ? 4.073   1.358   8.182   1.00 19.25 ? 21 NT  A C3    1 
HETATM 403 O  O1    . NT  C 2 .  ? 5.064   1.194   8.896   1.00 20.89 ? 21 NT  A O1    1 
HETATM 404 N  N4    . NT  C 2 .  ? 3.105   2.299   8.300   1.00 22.40 ? 21 NT  A N4    1 
HETATM 405 C  C4    . NT  C 2 .  ? 2.837   3.391   9.153   1.00 22.36 ? 21 NT  A C4    1 
HETATM 406 C  C5    . NT  C 2 .  ? 1.647   4.111   9.079   1.00 21.70 ? 21 NT  A C5    1 
HETATM 407 C  C6    . NT  C 2 .  ? 1.621   5.145   10.003  1.00 21.50 ? 21 NT  A C6    1 
HETATM 408 N  N5    . NT  C 2 .  ? 2.855   5.057   10.694  1.00 20.55 ? 21 NT  A N5    1 
HETATM 409 C  C8    . NT  C 2 .  ? 3.391   5.916   11.834  1.00 15.68 ? 21 NT  A C8    1 
HETATM 410 C  C7    . NT  C 2 .  ? 3.578   4.034   10.201  1.00 22.75 ? 21 NT  A C7    1 
HETATM 411 C  C9    . NT  C 2 .  ? 0.581   6.168   10.224  1.00 19.45 ? 21 NT  A C9    1 
HETATM 412 O  O2    . NT  C 2 .  ? 0.905   7.344   10.405  1.00 14.37 ? 21 NT  A O2    1 
HETATM 413 N  N6    . NT  C 2 .  ? -0.716  5.765   10.194  1.00 19.64 ? 21 NT  A N6    1 
HETATM 414 C  C10   . NT  C 2 .  ? -1.790  6.649   10.400  1.00 25.19 ? 21 NT  A C10   1 
HETATM 415 C  C11   . NT  C 2 .  ? -3.144  6.404   10.652  1.00 27.17 ? 21 NT  A C11   1 
HETATM 416 C  C12   . NT  C 2 .  ? -3.842  7.602   10.810  1.00 28.31 ? 21 NT  A C12   1 
HETATM 417 N  N7    . NT  C 2 .  ? -2.871  8.625   10.647  1.00 30.19 ? 21 NT  A N7    1 
HETATM 418 C  C14   . NT  C 2 .  ? -2.979  10.153  10.701  1.00 28.15 ? 21 NT  A C14   1 
HETATM 419 C  C13   . NT  C 2 .  ? -1.680  8.074   10.410  1.00 27.16 ? 21 NT  A C13   1 
HETATM 420 C  C15   . NT  C 2 .  ? -5.252  7.923   11.095  1.00 27.54 ? 21 NT  A C15   1 
HETATM 421 O  O3    . NT  C 2 .  ? -5.592  9.069   11.384  1.00 29.89 ? 21 NT  A O3    1 
HETATM 422 N  N8    . NT  C 2 .  ? -6.161  6.929   11.035  1.00 25.53 ? 21 NT  A N8    1 
HETATM 423 C  C16   . NT  C 2 .  ? -7.574  7.146   11.330  1.00 22.63 ? 21 NT  A C16   1 
HETATM 424 C  C17   . NT  C 2 .  ? -8.544  8.325   11.231  1.00 14.39 ? 21 NT  A C17   1 
HETATM 425 C  C18   . NT  C 2 .  ? -9.982  8.019   11.647  1.00 15.66 ? 21 NT  A C18   1 
HETATM 426 N  N9    . NT  C 2 .  ? -10.427 6.783   11.848  1.00 15.68 ? 21 NT  A N9    1 
HETATM 427 N  N10   . NT  C 2 .  ? -10.859 9.004   11.789  1.00 15.18 ? 21 NT  A N10   1 
HETATM 428 C  C1    . NT  D 2 .  ? 2.893   -5.895  1.816   1.00 9.37  ? 22 NT  A C1    1 
HETATM 429 N  N1    . NT  D 2 .  ? 3.075   -7.139  2.254   1.00 10.44 ? 22 NT  A N1    1 
HETATM 430 N  N2    . NT  D 2 .  ? 2.735   -4.889  2.684   1.00 2.41  ? 22 NT  A N2    1 
HETATM 431 N  N3    . NT  D 2 .  ? 2.853   -5.679  0.502   1.00 9.23  ? 22 NT  A N3    1 
HETATM 432 C  C2    . NT  D 2 .  ? 1.587   -5.244  -0.039  1.00 6.36  ? 22 NT  A C2    1 
HETATM 433 C  C3    . NT  D 2 .  ? 1.214   -6.026  -1.281  1.00 5.91  ? 22 NT  A C3    1 
HETATM 434 O  O1    . NT  D 2 .  ? 1.753   -7.124  -1.395  1.00 10.93 ? 22 NT  A O1    1 
HETATM 435 N  N4    . NT  D 2 .  ? 0.340   -5.505  -2.164  1.00 7.20  ? 22 NT  A N4    1 
HETATM 436 C  C4    . NT  D 2 .  ? -0.094  -6.198  -3.294  1.00 14.59 ? 22 NT  A C4    1 
HETATM 437 C  C5    . NT  D 2 .  ? -0.573  -5.657  -4.480  1.00 14.50 ? 22 NT  A C5    1 
HETATM 438 C  C6    . NT  D 2 .  ? -0.946  -6.667  -5.351  1.00 14.73 ? 22 NT  A C6    1 
HETATM 439 N  N5    . NT  D 2 .  ? -0.664  -7.886  -4.650  1.00 15.98 ? 22 NT  A N5    1 
HETATM 440 C  C8    . NT  D 2 .  ? -0.837  -9.353  -5.026  1.00 17.18 ? 22 NT  A C8    1 
HETATM 441 C  C7    . NT  D 2 .  ? -0.166  -7.618  -3.442  1.00 10.50 ? 22 NT  A C7    1 
HETATM 442 C  C9    . NT  D 2 .  ? -1.560  -6.540  -6.686  1.00 13.83 ? 22 NT  A C9    1 
HETATM 443 O  O2    . NT  D 2 .  ? -2.416  -7.352  -7.045  1.00 7.61  ? 22 NT  A O2    1 
HETATM 444 N  N6    . NT  D 2 .  ? -1.117  -5.487  -7.426  1.00 10.43 ? 22 NT  A N6    1 
HETATM 445 C  C10   . NT  D 2 .  ? -1.471  -5.028  -8.714  1.00 11.84 ? 22 NT  A C10   1 
HETATM 446 C  C11   . NT  D 2 .  ? -0.833  -3.985  -9.377  1.00 13.56 ? 22 NT  A C11   1 
HETATM 447 C  C12   . NT  D 2 .  ? -1.425  -3.744  -10.607 1.00 13.89 ? 22 NT  A C12   1 
HETATM 448 N  N7    . NT  D 2 .  ? -2.468  -4.662  -10.725 1.00 8.83  ? 22 NT  A N7    1 
HETATM 449 C  C14   . NT  D 2 .  ? -3.483  -4.872  -11.849 1.00 5.37  ? 22 NT  A C14   1 
HETATM 450 C  C13   . NT  D 2 .  ? -2.506  -5.426  -9.624  1.00 8.50  ? 22 NT  A C13   1 
HETATM 451 C  C15   . NT  D 2 .  ? -1.082  -2.732  -11.635 1.00 13.33 ? 22 NT  A C15   1 
HETATM 452 O  O3    . NT  D 2 .  ? -1.438  -2.797  -12.815 1.00 11.25 ? 22 NT  A O3    1 
HETATM 453 N  N8    . NT  D 2 .  ? -0.322  -1.670  -11.230 1.00 10.99 ? 22 NT  A N8    1 
HETATM 454 C  C16   . NT  D 2 .  ? 0.067   -0.558  -12.115 1.00 11.29 ? 22 NT  A C16   1 
HETATM 455 C  C17   . NT  D 2 .  ? 0.662   -0.480  -13.507 1.00 9.86  ? 22 NT  A C17   1 
HETATM 456 C  C18   . NT  D 2 .  ? 0.239   0.802   -14.199 1.00 2.99  ? 22 NT  A C18   1 
HETATM 457 N  N9    . NT  D 2 .  ? 0.960   1.910   -14.096 1.00 3.91  ? 22 NT  A N9    1 
HETATM 458 N  N10   . NT  D 2 .  ? -0.575  0.738   -15.238 1.00 9.58  ? 22 NT  A N10   1 
HETATM 459 O  O     . HOH E 3 .  ? -10.397 12.044  4.499   1.00 11.14 ? 23 HOH A O     1 
HETATM 460 O  O     . HOH E 3 .  ? -5.775  9.744   3.089   1.00 15.86 ? 24 HOH A O     1 
HETATM 461 O  O     . HOH E 3 .  ? -9.885  -0.422  3.639   1.00 44.21 ? 25 HOH A O     1 
HETATM 462 O  O     . HOH E 3 .  ? 12.004  -2.320  -9.222  1.00 35.94 ? 26 HOH A O     1 
HETATM 463 O  O     . HOH E 3 .  ? 5.159   -10.387 -10.379 1.00 14.14 ? 30 HOH A O     1 
HETATM 464 O  O     . HOH E 3 .  ? 9.697   -9.270  6.053   1.00 4.64  ? 32 HOH A O     1 
HETATM 465 O  O     . HOH E 3 .  ? 7.604   -8.322  4.779   1.00 11.70 ? 33 HOH A O     1 
HETATM 466 O  O     . HOH E 3 .  ? 9.384   -4.028  -8.517  1.00 20.29 ? 34 HOH A O     1 
HETATM 467 O  O     . HOH E 3 .  ? -11.002 4.603   4.981   1.00 35.06 ? 37 HOH A O     1 
HETATM 468 O  O     . HOH E 3 .  ? 7.343   -10.126 2.326   1.00 3.10  ? 38 HOH A O     1 
HETATM 469 O  O     . HOH E 3 .  ? 5.209   -9.883  6.325   1.00 4.80  ? 39 HOH A O     1 
HETATM 470 O  O     . HOH E 3 .  ? -7.424  2.480   4.103   1.00 11.18 ? 40 HOH A O     1 
HETATM 471 O  O     . HOH E 3 .  ? 8.458   -6.562  -12.911 1.00 20.93 ? 41 HOH A O     1 
HETATM 472 O  O     . HOH E 3 .  ? 1.677   -12.351 -3.928  1.00 20.59 ? 43 HOH A O     1 
HETATM 473 O  O     . HOH E 3 .  ? -3.876  -7.975  -11.843 1.00 31.88 ? 45 HOH A O     1 
HETATM 474 O  O     . HOH E 3 .  ? -8.403  10.820  1.922   1.00 35.59 ? 49 HOH A O     1 
HETATM 475 O  O     . HOH E 3 .  ? 3.763   -10.431 -0.218  1.00 41.27 ? 51 HOH A O     1 
HETATM 476 O  O     . HOH E 3 .  ? 7.837   -1.841  -6.437  1.00 6.72  ? 52 HOH A O     1 
HETATM 477 O  O     . HOH E 3 .  ? 1.584   -11.893 -15.279 1.00 27.83 ? 53 HOH A O     1 
HETATM 478 O  O     . HOH E 3 .  ? 5.146   -4.650  4.874   1.00 16.20 ? 54 HOH A O     1 
HETATM 479 O  O     . HOH E 3 .  ? -13.021 7.093   12.243  1.00 48.42 ? 55 HOH A O     1 
HETATM 480 O  O     . HOH E 3 .  ? -4.340  4.405   1.166   1.00 52.00 ? 56 HOH A O     1 
HETATM 481 O  O     . HOH E 3 .  ? -8.747  12.525  9.122   1.00 39.61 ? 57 HOH A O     1 
HETATM 482 O  O     . HOH E 3 .  ? -2.170  -10.998 -11.844 1.00 33.86 ? 60 HOH A O     1 
HETATM 483 O  O     . HOH F 3 .  ? 5.159   3.210   -4.871  1.00 6.49  ? 27 HOH B O     1 
HETATM 484 O  O     . HOH F 3 .  ? -2.234  -3.782  12.059  1.00 19.33 ? 28 HOH B O     1 
HETATM 485 O  O     . HOH F 3 .  ? 0.384   -10.363 0.318   1.00 32.08 ? 29 HOH B O     1 
HETATM 486 O  O     . HOH F 3 .  ? 9.116   5.683   -9.041  1.00 12.36 ? 31 HOH B O     1 
HETATM 487 O  O     . HOH F 3 .  ? 1.535   4.575   -3.708  1.00 25.87 ? 35 HOH B O     1 
HETATM 488 O  O     . HOH F 3 .  ? 10.775  2.212   -8.532  1.00 46.86 ? 36 HOH B O     1 
HETATM 489 O  O     . HOH F 3 .  ? -2.964  -8.396  7.121   1.00 10.00 ? 42 HOH B O     1 
HETATM 490 O  O     . HOH F 3 .  ? -6.900  -8.356  1.291   1.00 36.00 ? 44 HOH B O     1 
HETATM 491 O  O     . HOH F 3 .  ? -7.117  -0.264  -6.023  1.00 22.64 ? 46 HOH B O     1 
HETATM 492 O  O     . HOH F 3 .  ? -4.595  6.579   -9.802  1.00 31.33 ? 47 HOH B O     1 
HETATM 493 O  O     . HOH F 3 .  ? 5.115   10.950  -15.557 1.00 28.04 ? 48 HOH B O     1 
HETATM 494 O  O     . HOH F 3 .  ? -5.119  0.549   0.004   1.00 35.01 ? 50 HOH B O     1 
HETATM 495 O  O     . HOH F 3 .  ? 9.075   10.563  -13.939 1.00 33.49 ? 58 HOH B O     1 
HETATM 496 O  O     . HOH F 3 .  ? -6.738  -6.895  -10.011 1.00 39.94 ? 59 HOH B O     1 
# 
